data_3HZJ
#
_entry.id   3HZJ
#
_cell.length_a   48.086
_cell.length_b   64.571
_cell.length_c   290.255
_cell.angle_alpha   90.00
_cell.angle_beta   90.00
_cell.angle_gamma   90.00
#
_symmetry.space_group_name_H-M   'P 21 21 21'
#
loop_
_entity.id
_entity.type
_entity.pdbx_description
1 polymer 'RAB GTPase-activating protein 1-like'
2 non-polymer 'UNKNOWN ATOM OR ION'
3 water water
#
_entity_poly.entity_id   1
_entity_poly.type   'polypeptide(L)'
_entity_poly.pdbx_seq_one_letter_code
;GEKILYSWGELLGKWHSNLGARPKGLSTLVKSGVPEALRAEVWQLLAGCHDNQA(MSE)LDRYRILITKDSAQESVITRD
IHRTFPAHDYFKDTGGDGQESLYKICKAYSVYDEDIGYCQGQSFLAAVLLLH(MSE)PEEQAFCVLVKI(MSE)YDYGLR
DLYRNNFEDLHCKFYQLERL(MSE)QEQLPDLHSHFSDLNLEAH(MSE)YASQWFLTLFTAKFPLC(MSE)VFHIIDLLL
CEGLNIIFHVALALLKTSKEDLLQADFEGALKFFRVQLPKRYRAEENARRL(MSE)EQACNIKVPTKKLKKYEKEYQT
(MSE)RESQLQQEDPMDRYKFVYL
;
_entity_poly.pdbx_strand_id   A,B,C
#
# COMPACT_ATOMS: atom_id res chain seq x y z
N TYR A 6 -25.46 -8.67 20.61
CA TYR A 6 -25.74 -8.01 19.31
C TYR A 6 -24.99 -8.75 18.22
N SER A 7 -25.51 -8.72 16.99
CA SER A 7 -24.96 -9.58 15.95
C SER A 7 -24.51 -8.84 14.68
N TRP A 8 -23.51 -9.42 14.00
CA TRP A 8 -23.05 -9.02 12.66
C TRP A 8 -24.14 -9.10 11.60
N GLY A 9 -25.10 -10.01 11.79
CA GLY A 9 -26.22 -10.10 10.87
C GLY A 9 -27.10 -8.86 10.97
N GLU A 10 -27.50 -8.53 12.20
CA GLU A 10 -28.31 -7.34 12.41
C GLU A 10 -27.54 -6.08 12.03
N LEU A 11 -26.26 -6.02 12.38
CA LEU A 11 -25.46 -4.81 12.10
C LEU A 11 -25.31 -4.54 10.61
N LEU A 12 -24.90 -5.55 9.83
CA LEU A 12 -24.75 -5.39 8.37
C LEU A 12 -26.07 -5.05 7.69
N GLY A 13 -27.16 -5.65 8.14
CA GLY A 13 -28.48 -5.32 7.62
C GLY A 13 -28.75 -3.81 7.68
N LYS A 14 -28.47 -3.21 8.84
CA LYS A 14 -28.61 -1.76 9.05
C LYS A 14 -27.58 -0.94 8.26
N TRP A 15 -26.37 -1.49 8.12
CA TRP A 15 -25.31 -0.77 7.42
C TRP A 15 -25.69 -0.60 5.95
N HIS A 16 -26.21 -1.67 5.36
CA HIS A 16 -26.60 -1.70 3.94
C HIS A 16 -27.78 -0.80 3.57
N SER A 17 -28.54 -0.37 4.56
CA SER A 17 -29.65 0.57 4.35
C SER A 17 -29.28 2.02 4.72
N ASN A 18 -28.03 2.26 5.12
CA ASN A 18 -27.48 3.61 5.36
C ASN A 18 -25.98 3.62 5.07
N LEU A 19 -25.67 3.66 3.77
CA LEU A 19 -24.35 3.28 3.23
C LEU A 19 -23.17 4.17 3.66
N GLY A 20 -23.43 5.48 3.75
CA GLY A 20 -22.39 6.44 4.14
C GLY A 20 -22.40 6.78 5.62
N ALA A 21 -22.55 5.77 6.48
CA ALA A 21 -22.58 6.01 7.93
C ALA A 21 -22.47 4.71 8.74
N ARG A 22 -21.58 4.73 9.73
CA ARG A 22 -21.29 3.56 10.54
C ARG A 22 -22.40 3.32 11.57
N PRO A 23 -22.93 2.09 11.62
CA PRO A 23 -23.99 1.81 12.55
C PRO A 23 -23.46 1.60 13.95
N LYS A 24 -24.33 1.82 14.92
CA LYS A 24 -23.97 1.76 16.33
C LYS A 24 -23.56 0.34 16.72
N GLY A 25 -22.64 0.23 17.66
CA GLY A 25 -22.21 -1.08 18.16
C GLY A 25 -21.12 -1.74 17.33
N LEU A 26 -20.68 -1.06 16.27
CA LEU A 26 -19.63 -1.58 15.40
C LEU A 26 -18.36 -1.89 16.19
N SER A 27 -17.90 -0.90 16.97
CA SER A 27 -16.68 -1.01 17.76
C SER A 27 -16.69 -2.23 18.68
N THR A 28 -17.74 -2.39 19.47
CA THR A 28 -17.85 -3.55 20.36
C THR A 28 -17.79 -4.88 19.60
N LEU A 29 -18.36 -4.91 18.39
CA LEU A 29 -18.35 -6.15 17.60
C LEU A 29 -16.99 -6.43 16.97
N VAL A 30 -16.35 -5.40 16.44
CA VAL A 30 -15.01 -5.56 15.91
C VAL A 30 -14.02 -5.98 17.01
N LYS A 31 -14.18 -5.43 18.22
CA LYS A 31 -13.38 -5.85 19.38
C LYS A 31 -13.35 -7.36 19.56
N SER A 32 -14.49 -8.04 19.43
CA SER A 32 -14.51 -9.51 19.50
C SER A 32 -14.03 -10.21 18.21
N GLY A 33 -13.91 -9.46 17.12
CA GLY A 33 -13.36 -9.99 15.87
C GLY A 33 -14.40 -10.31 14.83
N VAL A 34 -14.10 -9.91 13.59
CA VAL A 34 -14.93 -10.17 12.44
C VAL A 34 -14.85 -11.65 12.10
N PRO A 35 -16.00 -12.34 12.00
CA PRO A 35 -15.98 -13.73 11.55
C PRO A 35 -15.27 -13.81 10.21
N GLU A 36 -14.35 -14.75 10.10
CA GLU A 36 -13.51 -14.89 8.92
C GLU A 36 -14.32 -14.78 7.61
N ALA A 37 -15.46 -15.45 7.58
CA ALA A 37 -16.31 -15.54 6.43
C ALA A 37 -16.89 -14.18 6.00
N LEU A 38 -16.96 -13.23 6.92
CA LEU A 38 -17.55 -11.94 6.63
C LEU A 38 -16.49 -10.87 6.32
N ARG A 39 -15.22 -11.23 6.39
CA ARG A 39 -14.15 -10.20 6.31
C ARG A 39 -14.09 -9.45 4.98
N ALA A 40 -14.28 -10.14 3.87
CA ALA A 40 -14.21 -9.47 2.54
C ALA A 40 -15.18 -8.30 2.49
N GLU A 41 -16.36 -8.52 3.05
CA GLU A 41 -17.47 -7.57 3.05
C GLU A 41 -17.28 -6.46 4.07
N VAL A 42 -16.92 -6.85 5.29
CA VAL A 42 -16.78 -5.90 6.38
C VAL A 42 -15.59 -4.99 6.14
N TRP A 43 -14.46 -5.57 5.75
CA TRP A 43 -13.27 -4.78 5.52
C TRP A 43 -13.56 -3.72 4.47
N GLN A 44 -14.22 -4.11 3.39
CA GLN A 44 -14.52 -3.17 2.33
C GLN A 44 -15.53 -2.12 2.81
N LEU A 45 -16.48 -2.49 3.67
CA LEU A 45 -17.38 -1.49 4.27
C LEU A 45 -16.60 -0.51 5.18
N LEU A 46 -15.77 -1.04 6.09
CA LEU A 46 -14.98 -0.22 6.99
C LEU A 46 -14.10 0.78 6.22
N ALA A 47 -13.47 0.34 5.15
CA ALA A 47 -12.59 1.21 4.37
C ALA A 47 -13.31 2.12 3.33
N GLY A 48 -14.63 2.00 3.19
CA GLY A 48 -15.38 2.82 2.24
C GLY A 48 -15.11 2.46 0.77
N CYS A 49 -15.02 1.17 0.49
CA CYS A 49 -14.87 0.63 -0.88
C CYS A 49 -16.19 0.01 -1.32
N HIS A 50 -16.81 0.55 -2.36
CA HIS A 50 -18.09 0.01 -2.85
C HIS A 50 -18.04 -0.36 -4.33
N ASP A 51 -17.31 -1.43 -4.66
CA ASP A 51 -17.32 -1.98 -6.03
C ASP A 51 -17.13 -0.86 -7.07
N ASN A 52 -16.17 0.02 -6.80
CA ASN A 52 -15.98 1.24 -7.59
C ASN A 52 -15.48 0.89 -8.99
N GLN A 53 -16.11 1.48 -10.00
CA GLN A 53 -15.78 1.23 -11.42
C GLN A 53 -14.57 2.06 -11.87
N ALA A 54 -14.52 3.32 -11.45
CA ALA A 54 -13.41 4.21 -11.74
C ALA A 54 -12.08 3.59 -11.26
N LEU A 56 -11.53 0.29 -10.60
CA LEU A 56 -11.31 -0.92 -11.40
C LEU A 56 -10.58 -0.59 -12.71
N ASP A 57 -11.12 0.38 -13.45
CA ASP A 57 -10.54 0.76 -14.72
C ASP A 57 -9.11 1.33 -14.56
N ARG A 58 -8.89 2.09 -13.49
CA ARG A 58 -7.56 2.62 -13.20
C ARG A 58 -6.58 1.50 -12.92
N TYR A 59 -6.99 0.54 -12.09
CA TYR A 59 -6.12 -0.58 -11.74
C TYR A 59 -5.69 -1.38 -12.98
N ARG A 60 -6.63 -1.62 -13.89
CA ARG A 60 -6.32 -2.40 -15.08
C ARG A 60 -5.32 -1.69 -15.98
N ILE A 61 -5.27 -0.37 -15.88
CA ILE A 61 -4.25 0.40 -16.59
C ILE A 61 -2.91 0.37 -15.84
N LEU A 62 -2.94 0.48 -14.51
CA LEU A 62 -1.70 0.48 -13.72
C LEU A 62 -0.92 -0.83 -13.84
N ILE A 63 -1.62 -1.95 -13.98
CA ILE A 63 -0.92 -3.25 -14.13
C ILE A 63 -0.29 -3.46 -15.52
N THR A 64 -0.49 -2.50 -16.44
CA THR A 64 0.19 -2.52 -17.75
C THR A 64 1.39 -1.59 -17.82
N LYS A 65 1.59 -0.76 -16.79
CA LYS A 65 2.71 0.17 -16.75
C LYS A 65 3.90 -0.50 -16.07
N ASP A 66 5.11 -0.03 -16.36
CA ASP A 66 6.33 -0.63 -15.80
C ASP A 66 6.74 0.13 -14.53
N SER A 67 7.36 -0.57 -13.58
CA SER A 67 7.74 0.05 -12.31
C SER A 67 9.26 0.05 -12.15
N ALA A 68 9.76 1.02 -11.38
CA ALA A 68 11.19 1.11 -11.05
C ALA A 68 11.59 0.09 -9.99
N GLN A 69 10.62 -0.38 -9.22
CA GLN A 69 10.88 -1.17 -8.01
C GLN A 69 10.63 -2.65 -8.19
N GLU A 70 10.78 -3.15 -9.41
CA GLU A 70 10.66 -4.58 -9.70
C GLU A 70 11.37 -5.44 -8.67
N SER A 71 12.64 -5.11 -8.41
CA SER A 71 13.54 -5.93 -7.58
C SER A 71 13.21 -5.88 -6.09
N VAL A 72 12.73 -4.73 -5.61
CA VAL A 72 12.25 -4.59 -4.23
C VAL A 72 10.97 -5.42 -4.02
N ILE A 73 10.10 -5.41 -5.02
CA ILE A 73 8.81 -6.10 -4.97
C ILE A 73 9.01 -7.61 -5.05
N THR A 74 9.75 -8.02 -6.08
CA THR A 74 10.14 -9.42 -6.29
C THR A 74 10.78 -10.00 -5.02
N ARG A 75 11.71 -9.25 -4.43
CA ARG A 75 12.35 -9.67 -3.19
C ARG A 75 11.33 -9.93 -2.07
N ASP A 76 10.40 -9.00 -1.90
CA ASP A 76 9.40 -9.10 -0.84
C ASP A 76 8.40 -10.22 -1.07
N ILE A 77 8.03 -10.44 -2.32
CA ILE A 77 7.05 -11.48 -2.66
C ILE A 77 7.54 -12.89 -2.32
N HIS A 78 8.79 -13.19 -2.64
CA HIS A 78 9.34 -14.52 -2.38
C HIS A 78 9.44 -14.86 -0.89
N ARG A 79 9.19 -13.87 -0.04
CA ARG A 79 9.24 -14.07 1.40
C ARG A 79 7.95 -13.63 2.09
N THR A 80 6.87 -13.46 1.33
CA THR A 80 5.56 -13.19 1.91
C THR A 80 4.82 -14.52 2.13
N PHE A 81 4.57 -14.82 3.40
CA PHE A 81 3.90 -16.04 3.87
C PHE A 81 4.24 -17.29 3.05
N PRO A 82 5.54 -17.59 2.90
CA PRO A 82 6.00 -18.67 2.03
C PRO A 82 5.56 -20.10 2.44
N ALA A 83 5.07 -20.28 3.67
CA ALA A 83 4.53 -21.58 4.10
C ALA A 83 3.01 -21.68 3.85
N HIS A 84 2.38 -20.60 3.42
CA HIS A 84 0.97 -20.67 3.11
C HIS A 84 0.81 -21.25 1.70
N ASP A 85 -0.10 -22.20 1.58
CA ASP A 85 -0.31 -22.91 0.31
C ASP A 85 -0.53 -21.98 -0.88
N TYR A 86 -1.27 -20.90 -0.67
CA TYR A 86 -1.60 -19.95 -1.74
C TYR A 86 -0.38 -19.18 -2.27
N PHE A 87 0.67 -19.08 -1.45
CA PHE A 87 1.86 -18.34 -1.83
C PHE A 87 3.14 -19.20 -1.93
N LYS A 88 3.04 -20.48 -1.59
CA LYS A 88 4.22 -21.35 -1.48
C LYS A 88 5.05 -21.33 -2.75
N ASP A 89 4.42 -21.67 -3.86
CA ASP A 89 5.16 -21.84 -5.13
C ASP A 89 5.29 -20.56 -5.96
N THR A 90 6.48 -20.39 -6.52
CA THR A 90 6.89 -19.13 -7.17
C THR A 90 6.14 -18.83 -8.48
N GLY A 91 5.66 -19.88 -9.16
CA GLY A 91 4.81 -19.69 -10.34
C GLY A 91 3.32 -19.58 -10.07
N GLY A 92 2.94 -19.52 -8.80
CA GLY A 92 1.54 -19.62 -8.43
C GLY A 92 0.74 -18.37 -8.69
N ASP A 93 -0.59 -18.54 -8.70
CA ASP A 93 -1.52 -17.45 -8.96
C ASP A 93 -1.53 -16.41 -7.84
N GLY A 94 -1.26 -16.86 -6.62
CA GLY A 94 -1.21 -15.96 -5.50
C GLY A 94 -0.08 -14.96 -5.63
N GLN A 95 1.12 -15.45 -5.94
CA GLN A 95 2.30 -14.58 -6.08
C GLN A 95 2.11 -13.64 -7.25
N GLU A 96 1.60 -14.14 -8.36
CA GLU A 96 1.28 -13.29 -9.49
C GLU A 96 0.33 -12.17 -9.08
N SER A 97 -0.76 -12.50 -8.42
CA SER A 97 -1.70 -11.45 -8.03
C SER A 97 -1.04 -10.45 -7.11
N LEU A 98 -0.25 -10.97 -6.17
CA LEU A 98 0.50 -10.16 -5.25
C LEU A 98 1.44 -9.21 -5.99
N TYR A 99 2.15 -9.76 -6.98
CA TYR A 99 2.99 -8.94 -7.84
C TYR A 99 2.21 -7.80 -8.50
N LYS A 100 1.08 -8.10 -9.10
CA LYS A 100 0.26 -7.05 -9.76
C LYS A 100 -0.18 -5.95 -8.79
N ILE A 101 -0.53 -6.34 -7.56
CA ILE A 101 -1.00 -5.38 -6.58
C ILE A 101 0.14 -4.44 -6.23
N CYS A 102 1.27 -5.01 -5.85
CA CYS A 102 2.43 -4.23 -5.46
C CYS A 102 2.94 -3.36 -6.59
N LYS A 103 2.98 -3.91 -7.80
CA LYS A 103 3.41 -3.15 -8.95
C LYS A 103 2.47 -1.98 -9.25
N ALA A 104 1.19 -2.17 -9.00
CA ALA A 104 0.18 -1.17 -9.27
C ALA A 104 0.24 -0.08 -8.23
N TYR A 105 0.62 -0.43 -7.01
CA TYR A 105 0.76 0.57 -5.96
C TYR A 105 2.01 1.46 -6.16
N SER A 106 3.11 0.87 -6.65
CA SER A 106 4.35 1.62 -6.85
C SER A 106 4.17 2.72 -7.87
N VAL A 107 3.38 2.43 -8.91
CA VAL A 107 3.03 3.42 -9.93
C VAL A 107 1.95 4.39 -9.42
N TYR A 108 0.98 3.88 -8.66
CA TYR A 108 -0.12 4.72 -8.16
C TYR A 108 0.40 5.84 -7.25
N ASP A 109 1.22 5.44 -6.28
CA ASP A 109 1.83 6.37 -5.35
C ASP A 109 3.14 6.92 -5.92
N GLU A 110 3.10 8.14 -6.44
CA GLU A 110 4.22 8.70 -7.20
C GLU A 110 5.23 9.48 -6.34
N ASP A 111 5.05 9.49 -5.02
CA ASP A 111 6.00 10.13 -4.10
C ASP A 111 6.78 9.04 -3.35
N ILE A 112 6.07 8.14 -2.68
CA ILE A 112 6.68 7.05 -1.92
C ILE A 112 6.94 5.80 -2.77
N GLY A 113 5.99 5.48 -3.66
CA GLY A 113 6.05 4.25 -4.43
C GLY A 113 5.75 3.06 -3.54
N TYR A 114 6.22 1.88 -3.95
CA TYR A 114 6.10 0.68 -3.11
C TYR A 114 7.11 0.74 -1.95
N CYS A 115 6.66 0.39 -0.75
CA CYS A 115 7.55 0.37 0.43
C CYS A 115 7.85 -1.05 0.88
N GLN A 116 9.10 -1.32 1.27
CA GLN A 116 9.52 -2.64 1.77
C GLN A 116 8.57 -3.17 2.84
N GLY A 117 7.98 -4.34 2.60
CA GLY A 117 7.16 -5.03 3.60
C GLY A 117 5.69 -4.81 3.35
N GLN A 118 5.38 -4.01 2.33
CA GLN A 118 4.01 -3.70 2.00
C GLN A 118 3.28 -4.91 1.43
N SER A 119 4.03 -5.81 0.79
CA SER A 119 3.45 -7.01 0.22
C SER A 119 2.82 -7.91 1.29
N PHE A 120 3.29 -7.82 2.54
CA PHE A 120 2.69 -8.63 3.61
C PHE A 120 1.22 -8.20 3.83
N LEU A 121 0.98 -6.89 3.79
CA LEU A 121 -0.34 -6.33 3.95
C LEU A 121 -1.23 -6.66 2.73
N ALA A 122 -0.69 -6.47 1.53
CA ALA A 122 -1.40 -6.86 0.32
C ALA A 122 -1.85 -8.32 0.39
N ALA A 123 -0.97 -9.19 0.85
CA ALA A 123 -1.27 -10.61 0.93
C ALA A 123 -2.45 -10.89 1.84
N VAL A 124 -2.48 -10.24 3.00
CA VAL A 124 -3.55 -10.45 3.94
C VAL A 124 -4.89 -10.08 3.30
N LEU A 125 -4.90 -9.00 2.55
CA LEU A 125 -6.10 -8.56 1.89
C LEU A 125 -6.46 -9.52 0.75
N LEU A 126 -5.47 -9.96 -0.01
CA LEU A 126 -5.74 -10.84 -1.16
C LEU A 126 -6.36 -12.16 -0.73
N LEU A 127 -5.97 -12.65 0.44
CA LEU A 127 -6.48 -13.90 0.95
C LEU A 127 -7.97 -13.83 1.13
N HIS A 128 -8.51 -12.63 1.34
CA HIS A 128 -9.93 -12.44 1.64
C HIS A 128 -10.73 -11.89 0.48
N PRO A 130 -10.86 -10.53 -4.10
CA PRO A 130 -10.28 -10.40 -5.42
C PRO A 130 -9.13 -9.42 -5.42
N GLU A 131 -8.13 -9.78 -6.23
CA GLU A 131 -6.95 -9.00 -6.45
C GLU A 131 -7.23 -7.50 -6.49
N GLU A 132 -8.18 -7.11 -7.30
CA GLU A 132 -8.39 -5.71 -7.55
C GLU A 132 -9.02 -5.01 -6.36
N GLN A 133 -9.85 -5.75 -5.62
CA GLN A 133 -10.44 -5.18 -4.42
C GLN A 133 -9.38 -5.03 -3.37
N ALA A 134 -8.43 -5.97 -3.35
CA ALA A 134 -7.30 -5.93 -2.41
C ALA A 134 -6.49 -4.69 -2.66
N PHE A 135 -6.30 -4.37 -3.94
CA PHE A 135 -5.63 -3.13 -4.29
C PHE A 135 -6.39 -1.91 -3.71
N CYS A 136 -7.71 -1.86 -3.86
CA CYS A 136 -8.47 -0.68 -3.39
C CYS A 136 -8.39 -0.53 -1.87
N VAL A 137 -8.56 -1.62 -1.12
CA VAL A 137 -8.41 -1.52 0.32
C VAL A 137 -6.95 -1.13 0.71
N LEU A 138 -5.96 -1.62 -0.03
CA LEU A 138 -4.56 -1.26 0.25
C LEU A 138 -4.30 0.23 0.06
N VAL A 139 -4.80 0.79 -1.05
CA VAL A 139 -4.77 2.23 -1.31
C VAL A 139 -5.45 3.00 -0.17
N LYS A 140 -6.64 2.56 0.21
CA LYS A 140 -7.37 3.19 1.34
C LYS A 140 -6.51 3.27 2.62
N ILE A 141 -5.91 2.15 2.99
CA ILE A 141 -5.12 2.07 4.22
C ILE A 141 -3.92 3.00 4.10
N TYR A 143 -3.52 5.70 2.11
CA TYR A 143 -3.89 7.12 1.99
C TYR A 143 -4.81 7.61 3.09
N ASP A 144 -5.99 7.01 3.19
CA ASP A 144 -7.02 7.54 4.12
C ASP A 144 -6.71 7.32 5.58
N TYR A 145 -6.06 6.20 5.87
CA TYR A 145 -5.72 5.85 7.25
C TYR A 145 -4.34 6.37 7.62
N GLY A 146 -3.66 6.97 6.64
CA GLY A 146 -2.42 7.68 6.88
C GLY A 146 -1.21 6.81 7.12
N LEU A 147 -1.25 5.56 6.67
CA LEU A 147 -0.10 4.67 6.85
C LEU A 147 1.11 5.16 6.03
N ARG A 148 0.88 5.67 4.83
CA ARG A 148 1.99 6.15 3.99
C ARG A 148 2.75 7.36 4.62
N ASP A 149 2.09 8.09 5.51
CA ASP A 149 2.69 9.24 6.15
C ASP A 149 3.83 8.83 7.07
N LEU A 150 3.82 7.60 7.58
CA LEU A 150 4.92 7.11 8.40
C LEU A 150 6.26 7.13 7.64
N TYR A 151 6.20 6.93 6.33
CA TYR A 151 7.40 6.83 5.48
C TYR A 151 7.91 8.22 5.11
N ARG A 152 6.95 9.11 4.86
CA ARG A 152 7.21 10.49 4.48
C ARG A 152 8.34 11.15 5.27
N ASN A 153 9.14 11.97 4.58
CA ASN A 153 10.23 12.78 5.20
C ASN A 153 11.36 11.97 5.82
N ASN A 154 11.78 10.89 5.16
CA ASN A 154 12.72 9.94 5.75
C ASN A 154 12.26 9.48 7.15
N PHE A 155 10.98 9.10 7.23
CA PHE A 155 10.36 8.47 8.42
C PHE A 155 10.09 9.40 9.62
N GLU A 156 9.87 10.69 9.39
CA GLU A 156 9.65 11.63 10.47
C GLU A 156 8.57 11.19 11.47
N ASP A 157 7.40 10.84 10.95
CA ASP A 157 6.25 10.56 11.83
C ASP A 157 6.33 9.19 12.51
N LEU A 158 7.09 8.28 11.92
CA LEU A 158 7.35 7.00 12.57
C LEU A 158 8.20 7.26 13.84
N HIS A 159 9.26 8.05 13.70
CA HIS A 159 10.10 8.43 14.84
C HIS A 159 9.30 9.12 15.93
N CYS A 160 8.36 9.97 15.54
CA CYS A 160 7.44 10.55 16.50
C CYS A 160 6.70 9.45 17.24
N LYS A 161 6.20 8.46 16.50
CA LYS A 161 5.43 7.36 17.08
C LYS A 161 6.25 6.48 18.03
N PHE A 162 7.52 6.27 17.73
CA PHE A 162 8.43 5.64 18.68
C PHE A 162 8.47 6.40 20.01
N TYR A 163 8.66 7.72 19.96
CA TYR A 163 8.69 8.52 21.17
C TYR A 163 7.41 8.30 21.99
N GLN A 164 6.27 8.37 21.31
CA GLN A 164 4.96 8.23 21.97
C GLN A 164 4.79 6.90 22.70
N LEU A 165 5.27 5.81 22.11
CA LEU A 165 5.14 4.49 22.73
C LEU A 165 6.02 4.42 23.97
N GLU A 166 7.23 4.96 23.87
CA GLU A 166 8.15 5.03 25.00
C GLU A 166 7.56 5.87 26.17
N ARG A 167 6.93 7.01 25.88
CA ARG A 167 6.27 7.79 26.92
C ARG A 167 5.06 7.07 27.50
N LEU A 168 4.30 6.38 26.64
CA LEU A 168 3.15 5.58 27.08
C LEU A 168 3.64 4.43 27.97
N GLN A 170 6.46 4.44 29.67
CA GLN A 170 6.92 5.09 30.90
C GLN A 170 5.77 5.34 31.86
N GLU A 171 4.59 5.72 31.33
CA GLU A 171 3.42 5.95 32.19
C GLU A 171 2.70 4.65 32.58
N GLN A 172 2.60 3.68 31.68
CA GLN A 172 1.77 2.47 31.92
C GLN A 172 2.53 1.20 32.31
N LEU A 173 3.82 1.12 31.96
CA LEU A 173 4.68 0.00 32.29
C LEU A 173 6.05 0.52 32.74
N PRO A 174 6.10 1.12 33.92
CA PRO A 174 7.32 1.76 34.38
C PRO A 174 8.47 0.76 34.66
N ASP A 175 8.14 -0.40 35.25
CA ASP A 175 9.19 -1.40 35.50
C ASP A 175 9.85 -1.82 34.21
N LEU A 176 9.07 -2.00 33.16
CA LEU A 176 9.60 -2.42 31.88
C LEU A 176 10.36 -1.24 31.24
N HIS A 177 9.81 -0.05 31.35
CA HIS A 177 10.51 1.15 30.89
C HIS A 177 11.85 1.35 31.62
N SER A 178 11.88 1.11 32.91
CA SER A 178 13.12 1.20 33.69
C SER A 178 14.16 0.19 33.17
N HIS A 179 13.72 -1.06 32.97
CA HIS A 179 14.63 -2.11 32.48
C HIS A 179 15.09 -1.82 31.06
N PHE A 180 14.20 -1.35 30.21
CA PHE A 180 14.60 -0.99 28.84
C PHE A 180 15.59 0.18 28.83
N SER A 181 15.37 1.12 29.75
CA SER A 181 16.27 2.26 29.96
C SER A 181 17.68 1.87 30.37
N ASP A 182 17.77 0.97 31.35
CA ASP A 182 19.05 0.39 31.76
C ASP A 182 19.76 -0.33 30.60
N LEU A 183 19.01 -0.94 29.68
CA LEU A 183 19.61 -1.67 28.55
C LEU A 183 19.86 -0.76 27.32
N ASN A 184 19.42 0.49 27.36
CA ASN A 184 19.31 1.34 26.16
C ASN A 184 18.61 0.65 24.95
N LEU A 185 17.56 -0.12 25.26
CA LEU A 185 16.71 -0.72 24.24
C LEU A 185 15.61 0.29 23.90
N GLU A 186 15.71 0.90 22.72
CA GLU A 186 14.81 1.96 22.28
C GLU A 186 13.82 1.40 21.28
N ALA A 187 12.69 2.08 21.12
CA ALA A 187 11.57 1.56 20.36
C ALA A 187 11.90 1.34 18.87
N HIS A 188 12.78 2.16 18.31
CA HIS A 188 13.14 2.02 16.88
C HIS A 188 13.88 0.70 16.58
N TYR A 190 12.84 -2.37 17.93
CA TYR A 190 11.92 -3.53 17.94
C TYR A 190 10.52 -3.26 17.39
N ALA A 191 10.18 -2.00 17.14
CA ALA A 191 8.82 -1.62 16.87
C ALA A 191 8.60 -1.05 15.46
N SER A 192 9.63 -1.02 14.62
CA SER A 192 9.51 -0.45 13.27
C SER A 192 8.48 -1.20 12.39
N GLN A 193 8.58 -2.53 12.34
CA GLN A 193 7.63 -3.36 11.57
C GLN A 193 6.22 -3.40 12.17
N TRP A 194 6.16 -3.30 13.49
CA TRP A 194 4.90 -3.13 14.19
C TRP A 194 4.08 -2.01 13.57
N PHE A 195 4.70 -0.85 13.45
CA PHE A 195 4.03 0.34 12.92
C PHE A 195 3.92 0.31 11.41
N LEU A 196 5.02 0.01 10.72
CA LEU A 196 5.04 0.09 9.27
C LEU A 196 4.20 -1.01 8.59
N THR A 197 4.24 -2.23 9.11
CA THR A 197 3.59 -3.35 8.44
C THR A 197 2.33 -3.77 9.14
N LEU A 198 2.00 -3.09 10.23
CA LEU A 198 0.82 -3.43 11.02
C LEU A 198 0.93 -4.85 11.60
N PHE A 199 2.15 -5.22 12.01
CA PHE A 199 2.50 -6.56 12.50
C PHE A 199 2.52 -7.67 11.44
N THR A 200 2.19 -7.35 10.19
CA THR A 200 2.10 -8.37 9.14
C THR A 200 3.47 -8.91 8.72
N ALA A 201 4.55 -8.27 9.19
CA ALA A 201 5.92 -8.65 8.81
C ALA A 201 6.41 -9.90 9.52
N LYS A 202 6.01 -10.07 10.77
CA LYS A 202 6.48 -11.18 11.60
C LYS A 202 5.38 -11.99 12.27
N PHE A 203 4.17 -11.43 12.43
CA PHE A 203 3.15 -12.08 13.25
C PHE A 203 2.26 -13.07 12.48
N PRO A 204 1.61 -13.98 13.20
CA PRO A 204 0.82 -15.03 12.53
C PRO A 204 -0.48 -14.54 11.91
N LEU A 205 -0.84 -15.13 10.79
CA LEU A 205 -2.03 -14.78 10.05
C LEU A 205 -3.27 -14.58 10.89
N CYS A 206 -3.58 -15.51 11.78
CA CYS A 206 -4.78 -15.37 12.61
C CYS A 206 -4.67 -14.12 13.50
N VAL A 208 -2.85 -11.25 12.66
CA VAL A 208 -2.91 -10.04 11.85
C VAL A 208 -4.25 -9.79 11.21
N PHE A 209 -5.03 -10.83 10.94
CA PHE A 209 -6.40 -10.65 10.45
C PHE A 209 -7.22 -9.84 11.45
N HIS A 210 -6.99 -10.11 12.73
CA HIS A 210 -7.66 -9.41 13.84
C HIS A 210 -7.21 -7.97 13.91
N ILE A 211 -5.94 -7.75 13.62
CA ILE A 211 -5.39 -6.41 13.59
C ILE A 211 -6.01 -5.55 12.50
N ILE A 212 -6.23 -6.13 11.34
CA ILE A 212 -6.80 -5.42 10.23
C ILE A 212 -8.25 -5.07 10.53
N ASP A 213 -8.96 -5.96 11.22
CA ASP A 213 -10.33 -5.70 11.69
C ASP A 213 -10.35 -4.39 12.48
N LEU A 214 -9.48 -4.32 13.49
CA LEU A 214 -9.41 -3.19 14.41
C LEU A 214 -8.88 -1.90 13.77
N LEU A 215 -7.79 -2.01 13.02
CA LEU A 215 -7.26 -0.87 12.27
C LEU A 215 -8.31 -0.25 11.37
N LEU A 216 -8.93 -1.06 10.53
CA LEU A 216 -9.88 -0.53 9.56
C LEU A 216 -11.05 0.14 10.26
N CYS A 217 -11.40 -0.32 11.46
CA CYS A 217 -12.45 0.30 12.23
C CYS A 217 -12.01 1.56 12.99
N GLU A 218 -10.95 1.44 13.77
CA GLU A 218 -10.59 2.45 14.74
C GLU A 218 -9.32 3.25 14.39
N GLY A 219 -8.67 2.92 13.28
CA GLY A 219 -7.55 3.71 12.77
C GLY A 219 -6.20 3.28 13.31
N LEU A 220 -5.13 3.88 12.78
CA LEU A 220 -3.75 3.56 13.14
C LEU A 220 -3.38 3.55 14.64
N ASN A 221 -4.01 4.40 15.46
CA ASN A 221 -3.76 4.37 16.90
C ASN A 221 -3.85 2.97 17.53
N ILE A 222 -4.61 2.04 16.93
CA ILE A 222 -4.66 0.64 17.44
C ILE A 222 -3.28 -0.02 17.61
N ILE A 223 -2.32 0.35 16.77
CA ILE A 223 -0.97 -0.17 16.90
C ILE A 223 -0.36 0.11 18.31
N PHE A 224 -0.70 1.27 18.90
CA PHE A 224 -0.28 1.59 20.28
C PHE A 224 -0.90 0.62 21.27
N HIS A 225 -2.17 0.33 21.07
CA HIS A 225 -2.90 -0.58 21.94
C HIS A 225 -2.31 -1.99 21.91
N VAL A 226 -1.99 -2.51 20.72
CA VAL A 226 -1.47 -3.87 20.59
C VAL A 226 -0.01 -3.94 21.08
N ALA A 227 0.79 -2.95 20.73
CA ALA A 227 2.17 -2.85 21.19
C ALA A 227 2.24 -2.91 22.72
N LEU A 228 1.43 -2.09 23.39
CA LEU A 228 1.39 -2.06 24.85
C LEU A 228 0.89 -3.39 25.47
N ALA A 229 -0.10 -4.02 24.83
CA ALA A 229 -0.63 -5.31 25.28
C ALA A 229 0.39 -6.43 25.13
N LEU A 230 1.15 -6.40 24.05
CA LEU A 230 2.25 -7.32 23.84
C LEU A 230 3.33 -7.18 24.91
N LEU A 231 3.68 -5.94 25.22
CA LEU A 231 4.71 -5.66 26.20
C LEU A 231 4.23 -6.06 27.56
N LYS A 232 2.96 -5.80 27.85
CA LYS A 232 2.42 -6.12 29.16
C LYS A 232 2.37 -7.63 29.42
N THR A 233 1.80 -8.39 28.49
CA THR A 233 1.71 -9.85 28.60
C THR A 233 3.07 -10.55 28.67
N SER A 234 4.08 -9.93 28.04
CA SER A 234 5.46 -10.44 28.01
C SER A 234 6.39 -9.87 29.11
N LYS A 235 5.84 -9.08 30.01
CA LYS A 235 6.64 -8.36 31.00
C LYS A 235 7.72 -9.25 31.65
N GLU A 236 7.31 -10.40 32.17
CA GLU A 236 8.21 -11.26 32.91
C GLU A 236 9.33 -11.86 32.04
N ASP A 237 9.04 -12.21 30.81
CA ASP A 237 10.10 -12.65 29.89
C ASP A 237 11.10 -11.52 29.61
N LEU A 238 10.57 -10.33 29.35
CA LEU A 238 11.40 -9.20 28.97
C LEU A 238 12.22 -8.65 30.13
N LEU A 239 11.63 -8.64 31.33
CA LEU A 239 12.32 -8.18 32.53
C LEU A 239 13.58 -9.03 32.83
N GLN A 240 13.57 -10.32 32.49
CA GLN A 240 14.76 -11.20 32.72
C GLN A 240 15.74 -11.17 31.54
N ALA A 241 15.39 -10.46 30.46
CA ALA A 241 16.23 -10.47 29.26
C ALA A 241 17.28 -9.37 29.30
N ASP A 242 18.42 -9.63 28.68
CA ASP A 242 19.43 -8.61 28.40
C ASP A 242 19.20 -8.02 26.99
N PHE A 243 20.11 -7.18 26.51
CA PHE A 243 19.92 -6.49 25.23
C PHE A 243 19.59 -7.43 24.09
N GLU A 244 20.52 -8.33 23.79
CA GLU A 244 20.36 -9.26 22.68
C GLU A 244 19.15 -10.18 22.90
N GLY A 245 18.94 -10.63 24.15
CA GLY A 245 17.81 -11.50 24.46
C GLY A 245 16.47 -10.82 24.19
N ALA A 246 16.33 -9.57 24.61
CA ALA A 246 15.08 -8.87 24.39
C ALA A 246 14.74 -8.79 22.91
N LEU A 247 15.71 -8.50 22.06
CA LEU A 247 15.46 -8.39 20.60
C LEU A 247 15.13 -9.72 19.95
N LYS A 248 15.87 -10.76 20.35
CA LYS A 248 15.59 -12.12 19.95
C LYS A 248 14.19 -12.52 20.45
N PHE A 249 13.80 -12.06 21.62
CA PHE A 249 12.44 -12.38 22.12
C PHE A 249 11.36 -11.75 21.21
N PHE A 250 11.53 -10.47 20.86
CA PHE A 250 10.58 -9.79 19.95
C PHE A 250 10.57 -10.41 18.56
N ARG A 251 11.75 -10.64 17.99
CA ARG A 251 11.82 -11.09 16.58
C ARG A 251 11.37 -12.54 16.41
N VAL A 252 11.69 -13.42 17.37
CA VAL A 252 11.47 -14.87 17.22
C VAL A 252 10.42 -15.49 18.15
N GLN A 253 10.50 -15.27 19.46
CA GLN A 253 9.61 -15.97 20.39
C GLN A 253 8.22 -15.38 20.51
N LEU A 254 8.13 -14.07 20.47
CA LEU A 254 6.86 -13.39 20.71
C LEU A 254 5.81 -13.72 19.64
N PRO A 255 6.20 -13.70 18.36
CA PRO A 255 5.21 -14.03 17.34
C PRO A 255 4.62 -15.42 17.53
N LYS A 256 5.46 -16.42 17.84
CA LYS A 256 5.01 -17.81 17.95
C LYS A 256 3.85 -18.01 18.94
N ARG A 257 3.75 -17.12 19.92
CA ARG A 257 2.73 -17.23 20.98
C ARG A 257 1.29 -16.94 20.56
N TYR A 258 1.11 -16.33 19.38
CA TYR A 258 -0.23 -15.98 18.91
C TYR A 258 -0.64 -16.77 17.64
N ARG A 259 0.03 -17.91 17.42
CA ARG A 259 -0.26 -18.77 16.24
C ARG A 259 -1.68 -19.34 16.24
N ALA A 260 -2.26 -19.51 17.43
CA ALA A 260 -3.61 -20.12 17.60
C ALA A 260 -4.70 -19.04 17.81
N GLU A 261 -5.94 -19.37 17.45
CA GLU A 261 -7.05 -18.42 17.51
C GLU A 261 -7.38 -17.94 18.94
N GLU A 262 -7.20 -18.83 19.92
CA GLU A 262 -7.48 -18.48 21.33
C GLU A 262 -6.54 -17.41 21.86
N ASN A 263 -5.24 -17.58 21.64
CA ASN A 263 -4.25 -16.61 22.12
C ASN A 263 -4.34 -15.28 21.38
N ALA A 264 -4.65 -15.32 20.08
CA ALA A 264 -4.86 -14.10 19.31
C ALA A 264 -6.10 -13.33 19.79
N ARG A 265 -7.19 -14.04 20.06
CA ARG A 265 -8.43 -13.40 20.53
C ARG A 265 -8.22 -12.65 21.85
N ARG A 266 -7.57 -13.32 22.81
CA ARG A 266 -7.29 -12.76 24.12
C ARG A 266 -6.41 -11.49 24.04
N LEU A 267 -5.35 -11.55 23.23
CA LEU A 267 -4.46 -10.38 23.10
C LEU A 267 -5.21 -9.15 22.59
N GLU A 269 -8.43 -8.58 23.01
CA GLU A 269 -9.25 -8.20 24.15
C GLU A 269 -8.42 -7.27 25.04
N GLN A 270 -7.22 -7.73 25.38
CA GLN A 270 -6.32 -6.96 26.23
C GLN A 270 -5.98 -5.63 25.55
N ALA A 271 -5.67 -5.68 24.27
CA ALA A 271 -5.37 -4.43 23.53
C ALA A 271 -6.51 -3.40 23.61
N CYS A 272 -7.76 -3.87 23.58
CA CYS A 272 -8.92 -2.98 23.61
C CYS A 272 -9.30 -2.48 25.00
N ASN A 273 -8.86 -3.17 26.05
CA ASN A 273 -9.08 -2.68 27.41
C ASN A 273 -8.05 -1.62 27.79
N ILE A 274 -6.92 -1.63 27.10
CA ILE A 274 -5.84 -0.68 27.35
C ILE A 274 -6.20 0.67 26.74
N LYS A 275 -6.08 1.72 27.56
CA LYS A 275 -6.46 3.08 27.16
C LYS A 275 -5.27 3.89 26.67
N VAL A 276 -5.41 4.43 25.46
CA VAL A 276 -4.44 5.33 24.87
C VAL A 276 -5.18 6.63 24.53
N PRO A 277 -5.38 7.51 25.54
CA PRO A 277 -6.17 8.72 25.28
C PRO A 277 -5.49 9.65 24.27
N THR A 278 -6.25 10.06 23.25
CA THR A 278 -5.77 10.98 22.22
C THR A 278 -5.07 12.21 22.81
N LYS A 279 -5.61 12.70 23.91
CA LYS A 279 -4.99 13.79 24.66
C LYS A 279 -3.53 13.48 24.99
N LYS A 280 -3.29 12.30 25.58
CA LYS A 280 -1.94 11.92 25.97
C LYS A 280 -1.03 11.76 24.76
N LEU A 281 -1.55 11.20 23.68
CA LEU A 281 -0.81 11.13 22.42
C LEU A 281 -0.50 12.51 21.91
N LYS A 282 -1.46 13.43 22.02
CA LYS A 282 -1.25 14.83 21.66
C LYS A 282 -0.07 15.37 22.43
N LYS A 283 -0.13 15.25 23.75
CA LYS A 283 0.92 15.75 24.63
C LYS A 283 2.29 15.33 24.12
N TYR A 284 2.49 14.02 23.97
CA TYR A 284 3.79 13.47 23.60
C TYR A 284 4.23 13.92 22.19
N GLU A 285 3.26 14.01 21.27
CA GLU A 285 3.53 14.49 19.89
C GLU A 285 4.13 15.87 19.90
N LYS A 286 3.55 16.75 20.73
CA LYS A 286 4.03 18.12 20.84
C LYS A 286 5.42 18.12 21.46
N GLU A 287 5.59 17.39 22.58
CA GLU A 287 6.89 17.21 23.20
C GLU A 287 7.94 16.87 22.13
N TYR A 288 7.61 15.90 21.29
CA TYR A 288 8.53 15.43 20.25
C TYR A 288 8.78 16.53 19.21
N GLN A 289 7.69 17.18 18.78
CA GLN A 289 7.73 18.14 17.66
C GLN A 289 8.68 19.29 17.91
N THR A 290 8.62 19.82 19.12
CA THR A 290 9.47 20.91 19.57
C THR A 290 10.94 20.52 19.72
N ARG A 292 12.68 18.63 17.66
CA ARG A 292 13.22 18.93 16.33
C ARG A 292 12.39 19.98 15.60
N LEU B 26 55.56 12.20 20.95
CA LEU B 26 55.22 12.91 19.68
C LEU B 26 53.84 13.55 19.78
N SER B 27 52.84 12.73 20.10
CA SER B 27 51.45 13.20 20.22
C SER B 27 51.16 13.82 21.60
N THR B 28 52.16 14.51 22.15
CA THR B 28 52.08 15.14 23.47
C THR B 28 51.85 16.65 23.35
N LEU B 29 52.54 17.29 22.41
CA LEU B 29 52.42 18.73 22.17
C LEU B 29 51.07 19.10 21.56
N VAL B 30 50.44 18.13 20.90
CA VAL B 30 49.13 18.30 20.26
C VAL B 30 48.02 18.47 21.31
N LYS B 31 48.11 17.70 22.40
CA LYS B 31 47.13 17.77 23.48
C LYS B 31 47.08 19.17 24.12
N SER B 32 48.25 19.76 24.36
CA SER B 32 48.36 21.13 24.90
C SER B 32 47.75 22.17 23.97
N GLY B 33 47.84 21.90 22.66
CA GLY B 33 47.31 22.79 21.64
C GLY B 33 48.38 23.09 20.59
N VAL B 34 48.08 22.76 19.33
CA VAL B 34 48.94 23.13 18.20
C VAL B 34 48.83 24.65 17.98
N PRO B 35 49.96 25.38 18.09
CA PRO B 35 49.98 26.84 17.88
C PRO B 35 49.36 27.27 16.53
N GLU B 36 48.71 28.44 16.54
CA GLU B 36 47.88 28.89 15.41
C GLU B 36 48.63 28.93 14.08
N ALA B 37 49.79 29.58 14.06
CA ALA B 37 50.62 29.71 12.86
C ALA B 37 51.27 28.39 12.45
N LEU B 38 51.29 27.42 13.37
CA LEU B 38 51.82 26.09 13.10
C LEU B 38 50.73 25.10 12.71
N ARG B 39 49.46 25.47 12.86
CA ARG B 39 48.36 24.57 12.49
C ARG B 39 48.44 24.19 11.03
N ALA B 40 48.69 25.17 10.17
CA ALA B 40 48.83 24.95 8.72
C ALA B 40 49.71 23.74 8.37
N GLU B 41 50.99 23.81 8.70
CA GLU B 41 51.90 22.70 8.43
C GLU B 41 51.58 21.47 9.30
N VAL B 42 51.25 21.70 10.57
CA VAL B 42 51.01 20.61 11.53
C VAL B 42 49.83 19.72 11.17
N TRP B 43 48.75 20.34 10.69
CA TRP B 43 47.53 19.62 10.32
C TRP B 43 47.78 18.68 9.15
N GLN B 44 48.35 19.21 8.08
CA GLN B 44 48.60 18.43 6.89
C GLN B 44 49.53 17.25 7.20
N LEU B 45 50.67 17.55 7.83
CA LEU B 45 51.59 16.53 8.32
C LEU B 45 50.87 15.35 8.98
N LEU B 46 49.92 15.64 9.87
CA LEU B 46 49.11 14.59 10.52
C LEU B 46 48.10 14.01 9.55
N ARG B 58 44.81 16.78 -9.30
CA ARG B 58 43.44 16.36 -9.02
C ARG B 58 42.49 17.55 -8.98
N TYR B 59 42.65 18.40 -7.95
CA TYR B 59 41.75 19.54 -7.66
C TYR B 59 41.60 20.54 -8.83
N ARG B 60 42.58 20.61 -9.72
CA ARG B 60 42.51 21.52 -10.86
C ARG B 60 41.35 21.18 -11.81
N ILE B 61 41.08 19.88 -11.99
CA ILE B 61 40.07 19.42 -12.96
C ILE B 61 38.66 19.24 -12.35
N LEU B 62 38.54 19.32 -11.02
CA LEU B 62 37.25 19.08 -10.34
C LEU B 62 36.42 20.37 -10.10
N ILE B 63 37.09 21.52 -10.04
CA ILE B 63 36.40 22.81 -9.88
C ILE B 63 35.64 23.23 -11.15
N THR B 64 36.01 22.66 -12.30
CA THR B 64 35.34 22.95 -13.57
C THR B 64 33.92 22.39 -13.68
N LYS B 65 33.67 21.26 -13.03
CA LYS B 65 32.43 20.49 -13.23
C LYS B 65 31.16 21.22 -12.78
N ASP B 66 30.02 20.78 -13.32
CA ASP B 66 28.71 21.25 -12.87
C ASP B 66 28.29 20.46 -11.62
N SER B 67 27.31 20.99 -10.90
CA SER B 67 26.91 20.42 -9.60
C SER B 67 25.40 20.52 -9.32
N ALA B 68 24.78 19.37 -9.10
CA ALA B 68 23.34 19.31 -8.77
C ALA B 68 23.09 19.84 -7.36
N GLN B 69 23.91 19.41 -6.41
CA GLN B 69 23.84 19.88 -5.03
C GLN B 69 24.43 21.30 -4.87
N GLU B 70 24.26 22.13 -5.90
CA GLU B 70 24.72 23.52 -5.87
C GLU B 70 23.78 24.38 -5.03
N SER B 71 22.51 23.99 -4.99
CA SER B 71 21.51 24.67 -4.15
C SER B 71 21.79 24.42 -2.66
N VAL B 72 22.11 23.17 -2.32
CA VAL B 72 22.49 22.79 -0.95
C VAL B 72 23.75 23.51 -0.46
N ILE B 73 24.70 23.72 -1.37
CA ILE B 73 25.97 24.39 -1.04
C ILE B 73 25.80 25.89 -0.83
N THR B 74 24.88 26.50 -1.57
CA THR B 74 24.67 27.95 -1.53
C THR B 74 24.11 28.40 -0.17
N ARG B 75 23.06 27.74 0.29
CA ARG B 75 22.44 28.06 1.58
C ARG B 75 23.45 27.91 2.72
N ASP B 76 24.11 26.75 2.77
CA ASP B 76 25.12 26.47 3.80
C ASP B 76 26.23 27.52 3.89
N ILE B 77 26.71 27.96 2.73
CA ILE B 77 27.76 28.98 2.68
C ILE B 77 27.28 30.29 3.30
N HIS B 78 26.04 30.67 2.97
CA HIS B 78 25.44 31.89 3.52
C HIS B 78 25.39 31.88 5.06
N ARG B 79 25.36 30.68 5.65
CA ARG B 79 25.32 30.53 7.11
C ARG B 79 26.66 30.16 7.77
N THR B 80 27.76 30.16 7.00
CA THR B 80 29.07 29.72 7.53
C THR B 80 29.97 30.88 8.00
N PHE B 81 30.24 30.91 9.32
CA PHE B 81 31.07 31.94 10.00
C PHE B 81 31.01 33.36 9.39
N PRO B 82 29.80 33.93 9.27
CA PRO B 82 29.62 35.22 8.58
C PRO B 82 30.13 36.44 9.37
N ALA B 83 30.31 36.30 10.68
CA ALA B 83 30.85 37.38 11.52
C ALA B 83 32.35 37.60 11.32
N HIS B 84 33.09 36.53 11.00
CA HIS B 84 34.52 36.63 10.74
C HIS B 84 34.78 37.51 9.50
N ASP B 85 35.81 38.36 9.59
CA ASP B 85 36.15 39.33 8.52
C ASP B 85 36.50 38.67 7.18
N TYR B 86 36.74 37.36 7.20
CA TYR B 86 37.11 36.61 6.00
C TYR B 86 35.88 36.14 5.21
N PHE B 87 34.81 35.77 5.91
CA PHE B 87 33.57 35.27 5.27
C PHE B 87 32.41 36.29 5.21
N LYS B 88 32.65 37.53 5.61
CA LYS B 88 31.60 38.56 5.71
C LYS B 88 31.01 38.98 4.35
N ASP B 89 31.85 39.11 3.33
CA ASP B 89 31.39 39.59 2.02
C ASP B 89 30.77 38.48 1.17
N THR B 90 29.54 38.71 0.68
CA THR B 90 28.84 37.76 -0.20
C THR B 90 29.57 37.56 -1.55
N GLY B 91 30.38 38.54 -1.94
CA GLY B 91 31.28 38.42 -3.09
C GLY B 91 32.74 38.54 -2.68
N GLY B 92 33.04 38.13 -1.44
CA GLY B 92 34.39 38.25 -0.88
C GLY B 92 35.29 37.08 -1.24
N ASP B 93 36.58 37.22 -0.95
CA ASP B 93 37.58 36.21 -1.36
C ASP B 93 37.54 34.95 -0.50
N GLY B 94 36.89 35.03 0.66
CA GLY B 94 36.71 33.88 1.53
C GLY B 94 35.60 32.98 1.06
N GLN B 95 34.42 33.56 0.82
CA GLN B 95 33.24 32.80 0.40
C GLN B 95 33.44 32.07 -0.93
N GLU B 96 34.09 32.73 -1.88
CA GLU B 96 34.33 32.14 -3.20
C GLU B 96 35.24 30.92 -3.09
N SER B 97 36.28 31.02 -2.26
CA SER B 97 37.26 29.95 -2.11
C SER B 97 36.64 28.73 -1.44
N LEU B 98 35.78 28.98 -0.45
CA LEU B 98 34.98 27.92 0.20
C LEU B 98 33.97 27.31 -0.80
N TYR B 99 33.40 28.15 -1.66
CA TYR B 99 32.43 27.72 -2.66
C TYR B 99 33.01 26.65 -3.58
N LYS B 100 34.22 26.89 -4.06
CA LYS B 100 34.91 25.93 -4.95
C LYS B 100 35.32 24.66 -4.23
N ILE B 101 35.63 24.76 -2.93
CA ILE B 101 36.01 23.57 -2.15
C ILE B 101 34.84 22.61 -2.00
N CYS B 102 33.66 23.16 -1.70
CA CYS B 102 32.47 22.34 -1.45
C CYS B 102 31.90 21.74 -2.72
N LYS B 103 31.93 22.51 -3.81
CA LYS B 103 31.45 22.02 -5.10
C LYS B 103 32.29 20.84 -5.57
N ALA B 104 33.61 20.99 -5.48
CA ALA B 104 34.56 19.94 -5.87
C ALA B 104 34.31 18.63 -5.12
N TYR B 105 34.04 18.72 -3.81
CA TYR B 105 33.70 17.51 -3.03
C TYR B 105 32.37 16.88 -3.49
N SER B 106 31.44 17.71 -4.00
CA SER B 106 30.16 17.21 -4.53
C SER B 106 30.32 16.22 -5.69
N VAL B 107 31.43 16.33 -6.43
CA VAL B 107 31.75 15.38 -7.50
C VAL B 107 32.63 14.23 -6.99
N TYR B 108 33.74 14.59 -6.33
CA TYR B 108 34.75 13.62 -5.85
C TYR B 108 34.12 12.41 -5.18
N ASP B 109 33.26 12.67 -4.20
CA ASP B 109 32.51 11.62 -3.54
C ASP B 109 31.32 11.29 -4.44
N GLU B 110 31.33 10.09 -5.00
CA GLU B 110 30.24 9.61 -5.85
C GLU B 110 29.12 8.99 -5.01
N ASP B 111 29.48 8.37 -3.89
CA ASP B 111 28.52 7.68 -3.02
C ASP B 111 27.61 8.63 -2.20
N ILE B 112 28.20 9.69 -1.64
CA ILE B 112 27.46 10.62 -0.76
C ILE B 112 27.37 12.04 -1.33
N GLY B 113 28.51 12.58 -1.77
CA GLY B 113 28.58 13.95 -2.29
C GLY B 113 28.69 14.99 -1.17
N TYR B 114 28.22 16.21 -1.45
CA TYR B 114 28.15 17.23 -0.42
C TYR B 114 26.94 16.98 0.47
N CYS B 115 27.16 17.04 1.78
CA CYS B 115 26.11 16.78 2.77
C CYS B 115 25.94 17.96 3.69
N GLN B 116 24.68 18.35 3.90
CA GLN B 116 24.35 19.55 4.66
C GLN B 116 25.18 19.59 5.93
N GLY B 117 26.09 20.56 6.04
CA GLY B 117 26.93 20.75 7.23
C GLY B 117 28.41 20.92 6.92
N GLN B 118 28.90 20.18 5.93
CA GLN B 118 30.34 20.09 5.63
C GLN B 118 31.10 21.42 5.49
N SER B 119 30.41 22.47 5.03
CA SER B 119 31.03 23.80 4.85
C SER B 119 31.67 24.37 6.11
N PHE B 120 31.14 23.99 7.28
CA PHE B 120 31.72 24.39 8.56
C PHE B 120 33.15 23.88 8.68
N LEU B 121 33.32 22.59 8.42
CA LEU B 121 34.63 21.95 8.50
C LEU B 121 35.55 22.55 7.47
N ALA B 122 35.04 22.70 6.26
CA ALA B 122 35.79 23.32 5.17
C ALA B 122 36.26 24.72 5.53
N ALA B 123 35.38 25.50 6.15
CA ALA B 123 35.69 26.88 6.55
C ALA B 123 36.75 26.90 7.64
N VAL B 124 36.66 25.95 8.57
CA VAL B 124 37.65 25.84 9.63
C VAL B 124 39.03 25.58 9.05
N LEU B 125 39.09 24.69 8.05
CA LEU B 125 40.35 24.34 7.41
C LEU B 125 40.90 25.49 6.58
N LEU B 126 40.01 26.16 5.84
CA LEU B 126 40.40 27.27 4.97
C LEU B 126 40.98 28.46 5.75
N LEU B 127 40.59 28.60 7.01
CA LEU B 127 41.06 29.73 7.86
C LEU B 127 42.55 29.67 8.20
N HIS B 128 43.18 28.51 8.02
CA HIS B 128 44.57 28.31 8.43
C HIS B 128 45.52 27.97 7.29
N PRO B 130 45.93 27.33 2.62
CA PRO B 130 45.49 27.68 1.27
C PRO B 130 44.23 26.95 0.82
N GLU B 131 43.49 27.57 -0.10
CA GLU B 131 42.22 27.03 -0.61
C GLU B 131 42.40 25.61 -1.14
N GLU B 132 43.45 25.44 -1.97
CA GLU B 132 43.78 24.15 -2.54
C GLU B 132 44.08 23.11 -1.46
N GLN B 133 44.95 23.47 -0.53
CA GLN B 133 45.43 22.54 0.49
C GLN B 133 44.33 22.20 1.49
N ALA B 134 43.46 23.18 1.76
CA ALA B 134 42.27 22.98 2.58
C ALA B 134 41.45 21.77 2.09
N PHE B 135 41.27 21.70 0.78
CA PHE B 135 40.51 20.63 0.14
C PHE B 135 41.16 19.25 0.31
N CYS B 136 42.49 19.21 0.25
CA CYS B 136 43.23 17.95 0.38
C CYS B 136 43.09 17.36 1.79
N VAL B 137 43.26 18.22 2.79
CA VAL B 137 43.01 17.84 4.17
C VAL B 137 41.54 17.46 4.33
N LEU B 138 40.65 18.28 3.77
CA LEU B 138 39.20 18.03 3.81
C LEU B 138 38.88 16.62 3.30
N VAL B 139 39.49 16.26 2.18
CA VAL B 139 39.36 14.93 1.60
C VAL B 139 39.93 13.88 2.54
N LYS B 140 41.13 14.15 3.07
CA LYS B 140 41.80 13.21 3.96
C LYS B 140 40.93 12.83 5.17
N ILE B 141 40.19 13.80 5.70
CA ILE B 141 39.34 13.56 6.87
C ILE B 141 38.14 12.65 6.53
N TYR B 143 37.73 10.36 4.10
CA TYR B 143 38.05 9.00 3.63
C TYR B 143 39.00 8.25 4.59
N ASP B 144 40.22 8.77 4.75
CA ASP B 144 41.25 8.10 5.56
C ASP B 144 40.95 8.09 7.07
N TYR B 145 40.12 9.02 7.54
CA TYR B 145 39.65 8.99 8.95
C TYR B 145 38.26 8.36 9.08
N GLY B 146 37.52 8.32 7.98
CA GLY B 146 36.25 7.60 7.92
C GLY B 146 35.04 8.39 8.38
N LEU B 147 35.10 9.71 8.25
CA LEU B 147 33.96 10.55 8.62
C LEU B 147 32.78 10.25 7.72
N ARG B 148 33.06 10.13 6.43
CA ARG B 148 32.04 9.82 5.42
C ARG B 148 31.18 8.59 5.76
N ASP B 149 31.78 7.61 6.43
CA ASP B 149 31.05 6.39 6.82
C ASP B 149 29.82 6.66 7.69
N LEU B 150 29.86 7.74 8.47
CA LEU B 150 28.73 8.13 9.30
C LEU B 150 27.51 8.54 8.47
N TYR B 151 27.75 9.01 7.24
CA TYR B 151 26.66 9.36 6.32
C TYR B 151 26.13 8.16 5.54
N ARG B 152 27.01 7.20 5.23
CA ARG B 152 26.67 6.11 4.30
C ARG B 152 25.39 5.35 4.66
N ASN B 153 24.58 5.07 3.65
CA ASN B 153 23.40 4.22 3.78
C ASN B 153 22.40 4.71 4.81
N ASN B 154 22.04 5.99 4.71
CA ASN B 154 21.09 6.63 5.64
C ASN B 154 21.62 6.73 7.08
N PHE B 155 22.90 7.07 7.21
CA PHE B 155 23.52 7.33 8.52
C PHE B 155 23.57 6.11 9.45
N GLU B 156 23.78 4.92 8.91
CA GLU B 156 23.72 3.69 9.73
C GLU B 156 24.78 3.69 10.84
N ASP B 157 25.99 4.15 10.51
CA ASP B 157 27.10 4.11 11.45
C ASP B 157 26.92 5.18 12.51
N LEU B 158 26.24 6.26 12.16
CA LEU B 158 25.90 7.31 13.12
C LEU B 158 25.07 6.71 14.26
N HIS B 159 24.00 5.99 13.90
CA HIS B 159 23.10 5.46 14.92
C HIS B 159 23.82 4.49 15.83
N CYS B 160 24.78 3.76 15.28
CA CYS B 160 25.65 2.89 16.07
C CYS B 160 26.49 3.73 17.03
N LYS B 161 27.03 4.84 16.52
CA LYS B 161 27.80 5.76 17.36
C LYS B 161 26.96 6.35 18.51
N PHE B 162 25.68 6.62 18.28
CA PHE B 162 24.79 7.09 19.37
C PHE B 162 24.69 6.04 20.48
N TYR B 163 24.46 4.79 20.10
CA TYR B 163 24.35 3.67 21.06
C TYR B 163 25.65 3.50 21.84
N GLN B 164 26.79 3.57 21.15
CA GLN B 164 28.10 3.52 21.82
C GLN B 164 28.25 4.62 22.89
N LEU B 165 27.82 5.84 22.56
CA LEU B 165 27.83 6.96 23.51
C LEU B 165 26.96 6.73 24.73
N GLU B 166 25.76 6.18 24.52
CA GLU B 166 24.87 5.87 25.64
C GLU B 166 25.51 4.82 26.53
N ARG B 167 25.99 3.75 25.93
CA ARG B 167 26.65 2.68 26.68
C ARG B 167 27.89 3.18 27.42
N LEU B 168 28.67 4.05 26.76
CA LEU B 168 29.82 4.69 27.44
C LEU B 168 29.34 5.52 28.62
N GLN B 170 26.54 5.01 30.43
CA GLN B 170 26.13 4.12 31.53
C GLN B 170 27.33 3.71 32.39
N GLU B 171 28.48 3.46 31.76
CA GLU B 171 29.69 3.05 32.48
C GLU B 171 30.36 4.20 33.24
N GLN B 172 30.43 5.39 32.64
CA GLN B 172 31.19 6.51 33.20
C GLN B 172 30.36 7.59 33.90
N LEU B 173 29.15 7.84 33.39
CA LEU B 173 28.24 8.83 34.00
C LEU B 173 26.86 8.20 34.30
N PRO B 174 26.80 7.31 35.30
CA PRO B 174 25.56 6.57 35.51
C PRO B 174 24.46 7.43 36.10
N ASP B 175 24.83 8.38 36.96
CA ASP B 175 23.90 9.44 37.47
C ASP B 175 23.16 10.03 36.27
N LEU B 176 23.91 10.55 35.30
CA LEU B 176 23.34 11.22 34.13
C LEU B 176 22.61 10.24 33.24
N HIS B 177 23.18 9.05 33.04
CA HIS B 177 22.57 8.07 32.15
C HIS B 177 21.18 7.74 32.67
N SER B 178 21.05 7.54 33.97
CA SER B 178 19.74 7.26 34.60
C SER B 178 18.75 8.42 34.44
N HIS B 179 19.24 9.65 34.56
CA HIS B 179 18.38 10.83 34.42
C HIS B 179 17.88 10.94 32.99
N PHE B 180 18.77 10.79 32.02
CA PHE B 180 18.36 10.82 30.61
C PHE B 180 17.37 9.69 30.30
N SER B 181 17.44 8.61 31.08
CA SER B 181 16.50 7.48 30.95
C SER B 181 15.13 7.84 31.46
N ASP B 182 15.07 8.61 32.55
CA ASP B 182 13.77 9.05 33.11
C ASP B 182 13.11 10.18 32.31
N LEU B 183 13.90 10.82 31.45
CA LEU B 183 13.42 11.86 30.52
C LEU B 183 13.20 11.34 29.11
N ASN B 184 13.59 10.10 28.81
CA ASN B 184 13.58 9.59 27.42
C ASN B 184 14.36 10.47 26.44
N LEU B 185 15.54 10.89 26.87
CA LEU B 185 16.37 11.79 26.10
C LEU B 185 17.45 10.94 25.45
N GLU B 186 17.31 10.65 24.16
CA GLU B 186 18.20 9.75 23.47
C GLU B 186 19.28 10.55 22.76
N ALA B 187 20.45 9.95 22.64
CA ALA B 187 21.61 10.59 22.02
C ALA B 187 21.35 11.27 20.69
N HIS B 188 20.46 10.71 19.86
CA HIS B 188 20.23 11.25 18.51
C HIS B 188 19.53 12.62 18.53
N TYR B 190 20.52 15.09 20.66
CA TYR B 190 21.49 16.17 20.96
C TYR B 190 22.90 15.98 20.33
N ALA B 191 23.25 14.74 19.99
CA ALA B 191 24.63 14.43 19.60
C ALA B 191 24.87 14.32 18.10
N SER B 192 23.84 14.58 17.30
CA SER B 192 23.94 14.37 15.86
C SER B 192 24.98 15.25 15.18
N GLN B 193 24.87 16.55 15.40
CA GLN B 193 25.82 17.52 14.87
C GLN B 193 27.21 17.35 15.48
N TRP B 194 27.29 16.90 16.72
CA TRP B 194 28.60 16.65 17.34
C TRP B 194 29.40 15.71 16.47
N PHE B 195 28.82 14.55 16.18
CA PHE B 195 29.50 13.51 15.40
C PHE B 195 29.69 13.86 13.93
N LEU B 196 28.69 14.47 13.31
CA LEU B 196 28.75 14.71 11.86
C LEU B 196 29.63 15.88 11.51
N THR B 197 29.51 16.97 12.27
CA THR B 197 30.22 18.20 11.94
C THR B 197 31.45 18.38 12.80
N LEU B 198 31.71 17.42 13.68
CA LEU B 198 32.83 17.50 14.61
C LEU B 198 32.76 18.76 15.44
N PHE B 199 31.55 19.07 15.91
CA PHE B 199 31.26 20.23 16.78
C PHE B 199 31.34 21.58 16.05
N THR B 200 31.72 21.57 14.77
CA THR B 200 31.90 22.82 14.02
C THR B 200 30.58 23.55 13.68
N ALA B 201 29.45 22.86 13.88
CA ALA B 201 28.14 23.50 13.71
C ALA B 201 27.92 24.57 14.75
N LYS B 202 27.92 24.16 16.02
CA LYS B 202 27.42 24.98 17.11
C LYS B 202 28.47 25.65 17.99
N PHE B 203 29.67 25.08 18.04
CA PHE B 203 30.68 25.49 19.03
C PHE B 203 31.71 26.51 18.53
N PRO B 204 32.29 27.29 19.46
CA PRO B 204 33.24 28.38 19.17
C PRO B 204 34.42 27.95 18.35
N LEU B 205 34.88 28.83 17.47
CA LEU B 205 36.04 28.56 16.62
C LEU B 205 37.23 28.05 17.43
N CYS B 206 37.67 28.83 18.40
CA CYS B 206 38.86 28.48 19.22
C CYS B 206 38.77 27.06 19.72
N VAL B 208 36.76 24.47 18.27
CA VAL B 208 36.76 23.48 17.20
C VAL B 208 38.18 23.31 16.62
N PHE B 209 38.97 24.38 16.63
CA PHE B 209 40.36 24.28 16.20
C PHE B 209 41.14 23.25 17.01
N HIS B 210 40.88 23.17 18.31
CA HIS B 210 41.50 22.18 19.19
C HIS B 210 41.03 20.77 18.85
N ILE B 211 39.74 20.64 18.54
CA ILE B 211 39.16 19.36 18.13
C ILE B 211 39.76 18.80 16.86
N ILE B 212 40.11 19.68 15.93
CA ILE B 212 40.69 19.24 14.67
C ILE B 212 42.13 18.77 14.89
N ASP B 213 42.87 19.48 15.76
CA ASP B 213 44.23 19.02 16.18
C ASP B 213 44.18 17.56 16.64
N LEU B 214 43.32 17.30 17.62
CA LEU B 214 43.25 16.00 18.30
C LEU B 214 42.57 14.95 17.43
N LEU B 215 41.56 15.35 16.66
CA LEU B 215 40.97 14.46 15.68
C LEU B 215 42.08 13.92 14.82
N LEU B 216 42.76 14.81 14.10
CA LEU B 216 43.77 14.43 13.14
C LEU B 216 44.87 13.57 13.76
N CYS B 217 45.20 13.86 15.03
CA CYS B 217 46.24 13.12 15.74
C CYS B 217 45.77 11.72 16.15
N GLU B 218 44.78 11.68 17.04
CA GLU B 218 44.37 10.42 17.67
C GLU B 218 43.14 9.80 17.01
N GLY B 219 42.69 10.34 15.88
CA GLY B 219 41.60 9.75 15.10
C GLY B 219 40.18 10.15 15.52
N LEU B 220 39.21 9.45 14.93
CA LEU B 220 37.79 9.80 15.06
C LEU B 220 37.19 9.60 16.44
N ASN B 221 37.63 8.56 17.13
CA ASN B 221 37.12 8.27 18.46
C ASN B 221 37.29 9.42 19.48
N ILE B 222 38.01 10.48 19.12
CA ILE B 222 38.08 11.67 20.01
C ILE B 222 36.70 12.31 20.26
N ILE B 223 35.76 12.18 19.34
CA ILE B 223 34.44 12.78 19.53
C ILE B 223 33.75 12.18 20.77
N PHE B 224 34.01 10.90 21.02
CA PHE B 224 33.54 10.24 22.24
C PHE B 224 34.17 10.88 23.46
N HIS B 225 35.48 11.09 23.43
CA HIS B 225 36.19 11.77 24.52
C HIS B 225 35.58 13.13 24.84
N VAL B 226 35.37 13.95 23.81
CA VAL B 226 34.91 15.32 23.99
C VAL B 226 33.46 15.38 24.48
N ALA B 227 32.61 14.56 23.90
CA ALA B 227 31.22 14.46 24.32
C ALA B 227 31.10 14.06 25.78
N LEU B 228 31.85 13.04 26.20
CA LEU B 228 31.84 12.61 27.58
C LEU B 228 32.37 13.73 28.53
N ALA B 229 33.39 14.47 28.11
CA ALA B 229 33.94 15.58 28.92
C ALA B 229 32.94 16.73 29.02
N LEU B 230 32.20 16.98 27.95
CA LEU B 230 31.16 17.99 27.93
C LEU B 230 30.04 17.57 28.86
N LEU B 231 29.61 16.32 28.75
CA LEU B 231 28.57 15.81 29.62
C LEU B 231 28.99 15.83 31.08
N LYS B 232 30.22 15.43 31.35
CA LYS B 232 30.76 15.40 32.72
C LYS B 232 30.89 16.79 33.36
N THR B 233 31.35 17.78 32.62
CA THR B 233 31.54 19.12 33.18
C THR B 233 30.19 19.86 33.38
N SER B 234 29.14 19.41 32.70
CA SER B 234 27.82 20.01 32.81
C SER B 234 26.78 19.11 33.52
N LYS B 235 27.26 18.04 34.16
CA LYS B 235 26.42 17.07 34.88
C LYS B 235 25.41 17.75 35.83
N GLU B 236 25.88 18.72 36.60
CA GLU B 236 25.05 19.35 37.60
C GLU B 236 23.84 20.03 36.94
N ASP B 237 24.06 20.77 35.87
CA ASP B 237 22.96 21.46 35.19
C ASP B 237 22.02 20.45 34.51
N LEU B 238 22.58 19.37 33.96
CA LEU B 238 21.78 18.41 33.24
C LEU B 238 20.97 17.51 34.15
N LEU B 239 21.45 17.27 35.36
CA LEU B 239 20.70 16.48 36.36
C LEU B 239 19.48 17.21 36.90
N GLN B 240 19.55 18.53 36.97
CA GLN B 240 18.40 19.35 37.37
C GLN B 240 17.46 19.70 36.21
N ALA B 241 17.90 19.50 34.98
CA ALA B 241 17.08 19.87 33.80
C ALA B 241 16.01 18.82 33.50
N ASP B 242 14.88 19.26 32.96
CA ASP B 242 13.89 18.33 32.43
C ASP B 242 14.14 18.16 30.93
N PHE B 243 13.22 17.50 30.24
CA PHE B 243 13.40 17.13 28.85
C PHE B 243 13.72 18.35 28.00
N GLU B 244 12.81 19.31 28.00
CA GLU B 244 13.01 20.57 27.28
C GLU B 244 14.26 21.31 27.77
N GLY B 245 14.46 21.38 29.08
CA GLY B 245 15.62 22.06 29.66
C GLY B 245 16.98 21.49 29.22
N ALA B 246 17.08 20.18 29.17
CA ALA B 246 18.34 19.52 28.76
C ALA B 246 18.64 19.83 27.29
N LEU B 247 17.63 19.82 26.45
CA LEU B 247 17.81 20.15 25.03
C LEU B 247 18.25 21.59 24.83
N LYS B 248 17.56 22.51 25.51
CA LYS B 248 17.94 23.92 25.53
C LYS B 248 19.37 24.08 26.00
N PHE B 249 19.72 23.43 27.12
CA PHE B 249 21.06 23.52 27.64
C PHE B 249 22.12 23.12 26.60
N PHE B 250 21.93 21.98 25.95
CA PHE B 250 22.88 21.51 24.94
C PHE B 250 23.03 22.51 23.81
N ARG B 251 21.91 23.10 23.42
CA ARG B 251 21.82 23.93 22.24
C ARG B 251 22.26 25.39 22.49
N VAL B 252 21.93 25.93 23.65
CA VAL B 252 22.17 27.35 23.91
C VAL B 252 23.30 27.57 24.87
N GLN B 253 23.21 26.91 26.02
CA GLN B 253 24.12 27.17 27.13
C GLN B 253 25.49 26.49 27.02
N LEU B 254 25.55 25.31 26.44
CA LEU B 254 26.79 24.54 26.45
C LEU B 254 27.92 25.15 25.58
N PRO B 255 27.63 25.52 24.32
CA PRO B 255 28.69 26.13 23.47
C PRO B 255 29.25 27.48 23.97
N LYS B 256 28.42 28.27 24.66
CA LYS B 256 28.89 29.52 25.27
C LYS B 256 30.03 29.29 26.27
N ARG B 257 30.03 28.16 26.95
CA ARG B 257 31.04 27.87 27.97
C ARG B 257 32.44 27.71 27.45
N TYR B 258 32.62 27.69 26.13
CA TYR B 258 33.93 27.45 25.53
C TYR B 258 34.32 28.50 24.49
N ARG B 259 33.75 29.71 24.62
CA ARG B 259 34.19 30.88 23.85
C ARG B 259 35.61 31.33 24.22
N ALA B 260 36.02 31.09 25.46
CA ALA B 260 37.37 31.46 25.90
C ALA B 260 38.34 30.30 25.68
N GLU B 261 39.57 30.63 25.27
CA GLU B 261 40.63 29.66 24.93
C GLU B 261 41.08 28.78 26.11
N GLU B 262 41.20 29.38 27.29
CA GLU B 262 41.59 28.64 28.48
C GLU B 262 40.55 27.56 28.86
N ASN B 263 39.25 27.87 28.65
CA ASN B 263 38.16 26.90 28.86
C ASN B 263 38.16 25.76 27.84
N ALA B 264 38.52 26.09 26.60
CA ALA B 264 38.64 25.08 25.56
C ALA B 264 39.82 24.17 25.87
N ARG B 265 40.95 24.76 26.25
CA ARG B 265 42.14 24.00 26.61
C ARG B 265 41.78 23.01 27.69
N ARG B 266 41.25 23.51 28.82
CA ARG B 266 40.83 22.64 29.93
C ARG B 266 39.91 21.54 29.46
N LEU B 267 38.99 21.86 28.54
CA LEU B 267 38.06 20.87 28.01
C LEU B 267 38.81 19.78 27.23
N GLU B 269 41.87 19.07 27.70
CA GLU B 269 42.59 18.43 28.80
C GLU B 269 41.75 17.31 29.43
N GLN B 270 40.51 17.65 29.80
CA GLN B 270 39.58 16.71 30.40
C GLN B 270 39.22 15.57 29.42
N ALA B 271 39.05 15.89 28.15
CA ALA B 271 38.65 14.90 27.16
C ALA B 271 39.72 13.80 27.03
N CYS B 272 40.99 14.20 27.10
CA CYS B 272 42.12 13.28 26.98
C CYS B 272 42.30 12.37 28.22
N ASN B 273 41.89 12.86 29.40
CA ASN B 273 41.90 12.04 30.63
C ASN B 273 40.72 11.07 30.74
N ILE B 274 39.76 11.16 29.84
CA ILE B 274 38.67 10.19 29.83
C ILE B 274 39.11 8.97 29.04
N LYS B 275 38.72 7.80 29.51
CA LYS B 275 39.09 6.56 28.85
C LYS B 275 37.95 6.08 27.98
N VAL B 276 38.28 5.80 26.72
CA VAL B 276 37.35 5.19 25.79
C VAL B 276 38.12 4.09 25.05
N PRO B 277 38.21 2.90 25.65
CA PRO B 277 39.02 1.84 25.07
C PRO B 277 38.35 1.28 23.83
N THR B 278 39.17 0.90 22.85
CA THR B 278 38.65 0.37 21.60
C THR B 278 37.92 -0.95 21.83
N LYS B 279 38.35 -1.69 22.85
CA LYS B 279 37.76 -3.00 23.18
C LYS B 279 36.30 -2.85 23.61
N LYS B 280 36.01 -1.85 24.44
CA LYS B 280 34.63 -1.61 24.88
C LYS B 280 33.77 -1.06 23.74
N LEU B 281 34.35 -0.23 22.88
CA LEU B 281 33.61 0.25 21.69
C LEU B 281 33.27 -0.89 20.74
N LYS B 282 34.14 -1.89 20.65
CA LYS B 282 33.90 -3.06 19.79
C LYS B 282 32.76 -3.91 20.33
N LYS B 283 32.73 -4.09 21.65
CA LYS B 283 31.62 -4.78 22.29
C LYS B 283 30.30 -4.06 22.02
N TYR B 284 30.31 -2.73 22.06
CA TYR B 284 29.07 -1.98 21.81
C TYR B 284 28.73 -2.02 20.32
N GLU B 285 29.75 -1.87 19.48
CA GLU B 285 29.59 -1.99 18.04
C GLU B 285 28.87 -3.30 17.68
N LYS B 286 29.37 -4.42 18.20
CA LYS B 286 28.83 -5.74 17.85
C LYS B 286 27.42 -5.96 18.40
N GLU B 287 27.19 -5.52 19.65
CA GLU B 287 25.84 -5.53 20.24
C GLU B 287 24.82 -4.84 19.35
N TYR B 288 25.22 -3.71 18.77
CA TYR B 288 24.30 -2.93 17.94
C TYR B 288 24.06 -3.61 16.59
N GLN B 289 25.14 -4.08 15.97
CA GLN B 289 25.02 -4.74 14.66
C GLN B 289 24.30 -6.10 14.74
N THR B 290 24.31 -6.72 15.91
CA THR B 290 23.51 -7.92 16.16
C THR B 290 22.02 -7.58 16.12
N ARG B 292 20.85 -4.73 14.51
CA ARG B 292 20.72 -4.30 13.12
C ARG B 292 21.48 -5.25 12.20
N LEU C 5 -28.28 9.00 -7.67
CA LEU C 5 -29.75 9.21 -7.69
C LEU C 5 -30.33 8.56 -6.43
N TYR C 6 -31.32 9.23 -5.83
CA TYR C 6 -31.92 8.80 -4.56
C TYR C 6 -32.55 7.42 -4.69
N SER C 7 -33.40 7.25 -5.70
CA SER C 7 -34.12 6.00 -5.95
C SER C 7 -33.19 4.78 -6.00
N TRP C 8 -32.03 4.94 -6.65
CA TRP C 8 -31.05 3.86 -6.71
C TRP C 8 -30.43 3.57 -5.34
N GLY C 9 -30.17 4.62 -4.57
CA GLY C 9 -29.63 4.46 -3.22
C GLY C 9 -30.50 3.54 -2.39
N GLU C 10 -31.81 3.72 -2.49
CA GLU C 10 -32.78 2.99 -1.70
C GLU C 10 -32.96 1.54 -2.20
N LEU C 11 -32.90 1.35 -3.51
CA LEU C 11 -33.00 0.00 -4.11
C LEU C 11 -31.83 -0.91 -3.74
N LEU C 12 -30.62 -0.34 -3.72
CA LEU C 12 -29.43 -1.05 -3.24
C LEU C 12 -29.58 -1.51 -1.78
N GLY C 13 -30.17 -0.67 -0.94
CA GLY C 13 -30.49 -1.06 0.43
C GLY C 13 -31.41 -2.27 0.46
N LYS C 14 -32.57 -2.16 -0.20
CA LYS C 14 -33.56 -3.24 -0.20
C LYS C 14 -33.04 -4.58 -0.77
N TRP C 15 -32.19 -4.52 -1.80
CA TRP C 15 -31.70 -5.75 -2.46
C TRP C 15 -30.65 -6.52 -1.66
N HIS C 16 -29.92 -5.84 -0.79
CA HIS C 16 -29.06 -6.49 0.21
C HIS C 16 -29.86 -7.41 1.15
N SER C 17 -31.08 -7.02 1.49
CA SER C 17 -31.92 -7.82 2.43
C SER C 17 -32.83 -8.82 1.67
N ASN C 18 -33.18 -8.47 0.43
CA ASN C 18 -34.15 -9.23 -0.35
C ASN C 18 -33.88 -9.02 -1.84
N LEU C 19 -33.16 -9.98 -2.39
CA LEU C 19 -32.78 -10.00 -3.79
C LEU C 19 -33.96 -10.02 -4.76
N GLY C 20 -35.15 -10.37 -4.28
CA GLY C 20 -36.36 -10.41 -5.10
C GLY C 20 -37.32 -9.24 -4.96
N ALA C 21 -36.91 -8.14 -4.32
CA ALA C 21 -37.76 -6.95 -4.27
C ALA C 21 -37.81 -6.31 -5.67
N ARG C 22 -39.03 -6.08 -6.16
CA ARG C 22 -39.26 -5.32 -7.38
C ARG C 22 -40.33 -4.29 -7.01
N PRO C 23 -39.91 -3.16 -6.38
CA PRO C 23 -40.89 -2.16 -5.95
C PRO C 23 -41.58 -1.44 -7.12
N LYS C 24 -42.61 -0.68 -6.80
CA LYS C 24 -43.31 0.13 -7.80
C LYS C 24 -42.30 1.12 -8.41
N GLY C 25 -42.39 1.31 -9.72
CA GLY C 25 -41.55 2.29 -10.42
C GLY C 25 -40.16 1.82 -10.80
N LEU C 26 -39.83 0.56 -10.52
CA LEU C 26 -38.54 -0.02 -10.89
C LEU C 26 -38.45 -0.25 -12.40
N SER C 27 -39.57 -0.69 -12.98
CA SER C 27 -39.66 -0.96 -14.40
C SER C 27 -39.07 0.20 -15.23
N THR C 28 -39.48 1.41 -14.87
CA THR C 28 -39.03 2.64 -15.52
C THR C 28 -37.54 2.92 -15.23
N LEU C 29 -37.14 2.88 -13.96
CA LEU C 29 -35.72 3.02 -13.60
C LEU C 29 -34.83 2.13 -14.48
N VAL C 30 -35.02 0.82 -14.39
CA VAL C 30 -34.19 -0.14 -15.12
C VAL C 30 -34.34 0.01 -16.64
N LYS C 31 -35.53 0.42 -17.10
CA LYS C 31 -35.75 0.71 -18.52
C LYS C 31 -34.74 1.71 -19.06
N SER C 32 -34.65 2.88 -18.44
CA SER C 32 -33.68 3.89 -18.87
C SER C 32 -32.24 3.42 -18.65
N GLY C 33 -32.07 2.39 -17.82
CA GLY C 33 -30.80 1.68 -17.71
C GLY C 33 -30.12 1.92 -16.36
N VAL C 34 -29.46 0.89 -15.85
CA VAL C 34 -28.70 1.01 -14.63
C VAL C 34 -27.47 1.84 -14.96
N PRO C 35 -27.24 2.94 -14.20
CA PRO C 35 -26.09 3.79 -14.42
C PRO C 35 -24.81 3.00 -14.50
N GLU C 36 -24.00 3.25 -15.52
CA GLU C 36 -22.80 2.46 -15.74
C GLU C 36 -21.94 2.35 -14.47
N ALA C 37 -22.00 3.37 -13.61
CA ALA C 37 -21.25 3.35 -12.34
C ALA C 37 -21.71 2.30 -11.34
N LEU C 38 -22.99 1.95 -11.37
CA LEU C 38 -23.59 1.06 -10.37
C LEU C 38 -23.74 -0.39 -10.82
N ARG C 39 -23.49 -0.65 -12.10
CA ARG C 39 -23.76 -1.98 -12.66
C ARG C 39 -23.08 -3.13 -11.90
N ALA C 40 -21.84 -2.97 -11.50
CA ALA C 40 -21.16 -4.05 -10.79
C ALA C 40 -21.92 -4.44 -9.52
N GLU C 41 -22.31 -3.44 -8.76
CA GLU C 41 -23.02 -3.64 -7.52
C GLU C 41 -24.41 -4.21 -7.78
N VAL C 42 -25.17 -3.54 -8.65
CA VAL C 42 -26.57 -3.94 -8.89
C VAL C 42 -26.66 -5.32 -9.52
N TRP C 43 -25.80 -5.59 -10.48
CA TRP C 43 -25.80 -6.91 -11.14
C TRP C 43 -25.52 -8.01 -10.12
N GLN C 44 -24.69 -7.72 -9.13
CA GLN C 44 -24.34 -8.70 -8.10
C GLN C 44 -25.46 -8.89 -7.09
N LEU C 45 -26.10 -7.80 -6.68
CA LEU C 45 -27.28 -7.93 -5.85
C LEU C 45 -28.37 -8.78 -6.52
N LEU C 46 -28.79 -8.40 -7.72
CA LEU C 46 -29.88 -9.15 -8.41
C LEU C 46 -29.54 -10.63 -8.60
N ALA C 47 -28.28 -10.91 -8.91
CA ALA C 47 -27.82 -12.29 -9.12
C ALA C 47 -27.75 -13.04 -7.80
N GLY C 48 -27.64 -12.31 -6.69
CA GLY C 48 -27.46 -12.93 -5.38
C GLY C 48 -26.00 -13.23 -5.06
N CYS C 49 -25.08 -12.34 -5.50
CA CYS C 49 -23.64 -12.46 -5.18
C CYS C 49 -23.13 -11.49 -4.10
N HIS C 50 -22.56 -12.05 -3.03
CA HIS C 50 -22.34 -11.35 -1.73
C HIS C 50 -20.92 -11.58 -1.14
N ASP C 51 -19.87 -11.36 -1.94
CA ASP C 51 -18.49 -11.44 -1.45
C ASP C 51 -18.25 -12.77 -0.72
N ASN C 52 -18.57 -13.89 -1.36
CA ASN C 52 -18.55 -15.18 -0.66
C ASN C 52 -17.12 -15.77 -0.68
N GLN C 53 -16.58 -16.02 0.52
CA GLN C 53 -15.22 -16.56 0.71
C GLN C 53 -15.11 -17.98 0.14
N ALA C 54 -16.08 -18.83 0.43
CA ALA C 54 -16.05 -20.22 -0.01
C ALA C 54 -16.06 -20.31 -1.53
N LEU C 56 -14.98 -17.65 -3.51
CA LEU C 56 -13.68 -17.11 -3.85
C LEU C 56 -12.64 -18.23 -3.81
N ASP C 57 -12.66 -19.03 -2.73
CA ASP C 57 -11.70 -20.13 -2.54
C ASP C 57 -11.90 -21.27 -3.57
N ARG C 58 -13.14 -21.61 -3.86
CA ARG C 58 -13.46 -22.60 -4.88
C ARG C 58 -13.01 -22.13 -6.25
N TYR C 59 -13.34 -20.89 -6.61
CA TYR C 59 -12.86 -20.34 -7.88
C TYR C 59 -11.33 -20.46 -8.03
N ARG C 60 -10.60 -20.15 -6.97
CA ARG C 60 -9.12 -20.17 -7.01
C ARG C 60 -8.50 -21.58 -7.23
N ILE C 61 -9.25 -22.60 -6.82
CA ILE C 61 -8.91 -24.00 -7.04
C ILE C 61 -9.28 -24.40 -8.46
N LEU C 62 -10.50 -24.07 -8.87
CA LEU C 62 -11.02 -24.42 -10.19
C LEU C 62 -10.09 -23.96 -11.31
N ILE C 63 -9.52 -22.77 -11.17
CA ILE C 63 -8.64 -22.23 -12.20
C ILE C 63 -7.25 -22.89 -12.26
N THR C 64 -6.89 -23.72 -11.28
CA THR C 64 -5.62 -24.47 -11.32
C THR C 64 -5.79 -25.83 -11.99
N LYS C 65 -7.05 -26.19 -12.28
CA LYS C 65 -7.39 -27.47 -12.86
C LYS C 65 -7.29 -27.43 -14.37
N ASP C 66 -7.15 -28.61 -14.95
CA ASP C 66 -7.07 -28.72 -16.39
C ASP C 66 -8.45 -29.00 -16.99
N SER C 67 -8.65 -28.41 -18.17
CA SER C 67 -9.90 -28.52 -18.87
C SER C 67 -9.70 -29.32 -20.13
N ALA C 68 -10.66 -30.18 -20.42
CA ALA C 68 -10.76 -30.85 -21.70
C ALA C 68 -10.94 -29.86 -22.85
N GLN C 69 -11.42 -28.65 -22.55
CA GLN C 69 -11.86 -27.71 -23.59
C GLN C 69 -10.97 -26.48 -23.77
N GLU C 70 -9.75 -26.58 -23.27
CA GLU C 70 -8.64 -25.66 -23.61
C GLU C 70 -8.70 -24.98 -24.98
N SER C 71 -8.70 -25.82 -26.01
CA SER C 71 -8.57 -25.40 -27.41
C SER C 71 -9.83 -24.67 -27.84
N VAL C 72 -10.96 -25.27 -27.51
CA VAL C 72 -12.28 -24.70 -27.70
C VAL C 72 -12.41 -23.32 -27.03
N ILE C 73 -11.91 -23.20 -25.83
CA ILE C 73 -12.05 -21.95 -25.09
C ILE C 73 -11.21 -20.88 -25.74
N THR C 74 -9.97 -21.24 -26.06
CA THR C 74 -9.01 -20.33 -26.66
C THR C 74 -9.49 -19.80 -28.00
N ARG C 75 -10.04 -20.68 -28.84
CA ARG C 75 -10.68 -20.30 -30.11
C ARG C 75 -11.71 -19.17 -29.93
N ASP C 76 -12.62 -19.35 -28.98
CA ASP C 76 -13.68 -18.36 -28.69
C ASP C 76 -13.12 -17.02 -28.18
N ILE C 77 -12.07 -17.09 -27.37
CA ILE C 77 -11.50 -15.90 -26.75
C ILE C 77 -10.77 -14.98 -27.75
N HIS C 78 -10.20 -15.57 -28.80
CA HIS C 78 -9.54 -14.78 -29.83
C HIS C 78 -10.52 -13.95 -30.65
N ARG C 79 -11.77 -14.42 -30.76
CA ARG C 79 -12.84 -13.73 -31.50
C ARG C 79 -13.80 -12.98 -30.56
N THR C 80 -13.43 -12.84 -29.28
CA THR C 80 -14.29 -12.16 -28.31
C THR C 80 -13.87 -10.70 -28.14
N PHE C 81 -14.68 -9.78 -28.66
CA PHE C 81 -14.41 -8.33 -28.63
C PHE C 81 -12.97 -7.93 -28.95
N PRO C 82 -12.41 -8.47 -30.05
CA PRO C 82 -11.02 -8.18 -30.41
C PRO C 82 -10.71 -6.69 -30.77
N ALA C 83 -11.73 -5.85 -30.94
CA ALA C 83 -11.52 -4.42 -31.20
C ALA C 83 -11.66 -3.53 -29.94
N HIS C 84 -11.72 -4.15 -28.76
CA HIS C 84 -11.80 -3.42 -27.49
C HIS C 84 -10.39 -3.42 -26.92
N ASP C 85 -9.95 -2.29 -26.35
CA ASP C 85 -8.58 -2.16 -25.82
C ASP C 85 -8.25 -3.28 -24.83
N TYR C 86 -9.19 -3.59 -23.96
CA TYR C 86 -8.98 -4.57 -22.91
C TYR C 86 -8.76 -6.04 -23.42
N PHE C 87 -9.28 -6.36 -24.61
CA PHE C 87 -9.16 -7.73 -25.13
C PHE C 87 -8.27 -7.83 -26.39
N LYS C 88 -7.67 -6.73 -26.82
CA LYS C 88 -6.95 -6.67 -28.09
C LYS C 88 -5.73 -7.60 -28.16
N ASP C 89 -4.92 -7.59 -27.10
CA ASP C 89 -3.64 -8.30 -27.09
C ASP C 89 -3.83 -9.77 -26.73
N THR C 90 -2.95 -10.63 -27.25
CA THR C 90 -2.98 -12.06 -26.94
C THR C 90 -2.52 -12.30 -25.48
N GLY C 91 -1.39 -11.71 -25.09
CA GLY C 91 -0.88 -11.87 -23.72
C GLY C 91 -1.39 -10.84 -22.71
N GLY C 92 -2.60 -10.30 -22.95
CA GLY C 92 -3.13 -9.22 -22.12
C GLY C 92 -3.87 -9.76 -20.90
N ASP C 93 -4.11 -8.89 -19.93
CA ASP C 93 -4.77 -9.29 -18.70
C ASP C 93 -6.24 -9.62 -18.96
N GLY C 94 -6.82 -8.98 -19.97
CA GLY C 94 -8.20 -9.21 -20.32
C GLY C 94 -8.40 -10.59 -20.85
N GLN C 95 -7.50 -11.02 -21.73
CA GLN C 95 -7.63 -12.34 -22.31
C GLN C 95 -7.31 -13.40 -21.28
N GLU C 96 -6.26 -13.19 -20.48
CA GLU C 96 -5.92 -14.12 -19.37
C GLU C 96 -7.09 -14.32 -18.40
N SER C 97 -7.76 -13.23 -18.02
CA SER C 97 -8.89 -13.29 -17.08
C SER C 97 -10.09 -13.98 -17.68
N LEU C 98 -10.35 -13.67 -18.95
CA LEU C 98 -11.46 -14.29 -19.66
C LEU C 98 -11.31 -15.80 -19.77
N TYR C 99 -10.10 -16.21 -20.10
CA TYR C 99 -9.73 -17.62 -20.15
C TYR C 99 -9.96 -18.32 -18.80
N LYS C 100 -9.48 -17.73 -17.71
CA LYS C 100 -9.75 -18.29 -16.38
C LYS C 100 -11.25 -18.42 -16.04
N ILE C 101 -12.06 -17.44 -16.42
CA ILE C 101 -13.50 -17.52 -16.15
C ILE C 101 -14.08 -18.70 -16.93
N CYS C 102 -13.85 -18.73 -18.23
CA CYS C 102 -14.35 -19.81 -19.08
C CYS C 102 -13.87 -21.20 -18.68
N LYS C 103 -12.59 -21.29 -18.37
CA LYS C 103 -11.97 -22.52 -17.94
C LYS C 103 -12.56 -23.03 -16.61
N ALA C 104 -12.79 -22.11 -15.68
CA ALA C 104 -13.34 -22.44 -14.41
C ALA C 104 -14.77 -22.90 -14.57
N TYR C 105 -15.50 -22.28 -15.52
CA TYR C 105 -16.88 -22.68 -15.81
C TYR C 105 -16.88 -24.08 -16.37
N SER C 106 -15.96 -24.35 -17.26
CA SER C 106 -15.88 -25.62 -17.94
C SER C 106 -15.63 -26.76 -16.92
N VAL C 107 -14.89 -26.48 -15.85
CA VAL C 107 -14.68 -27.48 -14.80
C VAL C 107 -15.86 -27.50 -13.80
N TYR C 108 -16.42 -26.35 -13.47
CA TYR C 108 -17.54 -26.26 -12.53
C TYR C 108 -18.79 -27.01 -13.01
N ASP C 109 -19.24 -26.70 -14.22
CA ASP C 109 -20.43 -27.32 -14.83
C ASP C 109 -19.98 -28.59 -15.49
N GLU C 110 -20.28 -29.72 -14.87
CA GLU C 110 -19.75 -31.00 -15.29
C GLU C 110 -20.68 -31.67 -16.30
N ASP C 111 -21.92 -31.22 -16.39
CA ASP C 111 -22.88 -31.81 -17.33
C ASP C 111 -22.60 -31.28 -18.73
N ILE C 112 -22.55 -29.97 -18.91
CA ILE C 112 -22.37 -29.40 -20.24
C ILE C 112 -21.04 -28.67 -20.49
N GLY C 113 -20.35 -28.26 -19.43
CA GLY C 113 -19.07 -27.57 -19.58
C GLY C 113 -19.16 -26.21 -20.26
N TYR C 114 -18.09 -25.84 -20.95
CA TYR C 114 -18.04 -24.54 -21.61
C TYR C 114 -18.82 -24.62 -22.91
N CYS C 115 -19.71 -23.66 -23.15
CA CYS C 115 -20.46 -23.65 -24.39
C CYS C 115 -19.93 -22.59 -25.33
N GLN C 116 -20.25 -22.81 -26.61
CA GLN C 116 -19.85 -21.93 -27.70
C GLN C 116 -20.43 -20.53 -27.54
N GLY C 117 -19.54 -19.55 -27.55
CA GLY C 117 -19.93 -18.16 -27.49
C GLY C 117 -20.05 -17.64 -26.08
N GLN C 118 -19.93 -18.53 -25.10
CA GLN C 118 -20.12 -18.15 -23.71
C GLN C 118 -19.10 -17.10 -23.30
N SER C 119 -17.91 -17.11 -23.91
CA SER C 119 -16.92 -16.08 -23.64
C SER C 119 -17.43 -14.64 -23.86
N PHE C 120 -18.43 -14.44 -24.72
CA PHE C 120 -18.94 -13.09 -24.93
C PHE C 120 -19.66 -12.58 -23.68
N LEU C 121 -20.41 -13.44 -23.03
CA LEU C 121 -21.16 -13.03 -21.85
C LEU C 121 -20.20 -12.81 -20.70
N ALA C 122 -19.26 -13.74 -20.54
CA ALA C 122 -18.19 -13.60 -19.56
C ALA C 122 -17.41 -12.28 -19.75
N ALA C 123 -17.18 -11.89 -20.99
CA ALA C 123 -16.46 -10.64 -21.28
C ALA C 123 -17.25 -9.40 -20.84
N VAL C 124 -18.55 -9.38 -21.14
CA VAL C 124 -19.39 -8.25 -20.73
C VAL C 124 -19.45 -8.10 -19.19
N LEU C 125 -19.50 -9.22 -18.48
CA LEU C 125 -19.44 -9.17 -17.02
C LEU C 125 -18.06 -8.68 -16.53
N LEU C 126 -17.00 -9.22 -17.10
CA LEU C 126 -15.65 -8.86 -16.73
C LEU C 126 -15.29 -7.35 -16.87
N LEU C 127 -15.85 -6.69 -17.87
CA LEU C 127 -15.64 -5.27 -18.09
C LEU C 127 -16.14 -4.40 -16.94
N HIS C 128 -17.11 -4.91 -16.19
CA HIS C 128 -17.71 -4.18 -15.07
C HIS C 128 -17.23 -4.59 -13.67
N PRO C 130 -14.44 -7.36 -11.09
CA PRO C 130 -13.26 -8.24 -10.94
C PRO C 130 -13.54 -9.63 -11.50
N GLU C 131 -12.48 -10.24 -11.98
CA GLU C 131 -12.52 -11.54 -12.63
C GLU C 131 -13.39 -12.54 -11.87
N GLU C 132 -13.07 -12.74 -10.60
CA GLU C 132 -13.77 -13.74 -9.82
C GLU C 132 -15.24 -13.41 -9.61
N GLN C 133 -15.58 -12.13 -9.49
CA GLN C 133 -16.98 -11.76 -9.35
C GLN C 133 -17.75 -12.00 -10.63
N ALA C 134 -17.11 -11.78 -11.79
CA ALA C 134 -17.72 -12.12 -13.09
C ALA C 134 -18.03 -13.59 -13.23
N PHE C 135 -17.15 -14.46 -12.73
CA PHE C 135 -17.45 -15.88 -12.70
C PHE C 135 -18.69 -16.17 -11.84
N CYS C 136 -18.76 -15.61 -10.63
CA CYS C 136 -19.93 -15.84 -9.79
C CYS C 136 -21.20 -15.42 -10.52
N VAL C 137 -21.21 -14.23 -11.10
CA VAL C 137 -22.41 -13.77 -11.79
C VAL C 137 -22.74 -14.69 -12.97
N LEU C 138 -21.72 -15.11 -13.70
CA LEU C 138 -21.95 -16.01 -14.83
C LEU C 138 -22.61 -17.33 -14.37
N VAL C 139 -22.15 -17.85 -13.24
CA VAL C 139 -22.75 -19.05 -12.68
C VAL C 139 -24.23 -18.80 -12.33
N LYS C 140 -24.55 -17.68 -11.68
CA LYS C 140 -25.95 -17.33 -11.41
C LYS C 140 -26.81 -17.23 -12.68
N ILE C 141 -26.25 -16.63 -13.73
CA ILE C 141 -26.99 -16.51 -14.93
C ILE C 141 -27.22 -17.91 -15.52
N TYR C 143 -27.22 -20.96 -14.04
CA TYR C 143 -27.99 -21.90 -13.24
C TYR C 143 -29.33 -21.33 -12.82
N ASP C 144 -29.33 -20.12 -12.27
CA ASP C 144 -30.51 -19.55 -11.62
C ASP C 144 -31.49 -18.85 -12.56
N TYR C 145 -30.98 -18.30 -13.65
CA TYR C 145 -31.81 -17.63 -14.65
C TYR C 145 -32.08 -18.52 -15.84
N GLY C 146 -31.68 -19.78 -15.75
CA GLY C 146 -32.11 -20.79 -16.72
C GLY C 146 -31.42 -20.79 -18.06
N LEU C 147 -30.26 -20.16 -18.16
CA LEU C 147 -29.57 -20.12 -19.45
C LEU C 147 -28.95 -21.49 -19.84
N ARG C 148 -28.41 -22.23 -18.88
CA ARG C 148 -27.83 -23.54 -19.21
C ARG C 148 -28.89 -24.58 -19.64
N ASP C 149 -30.13 -24.39 -19.21
CA ASP C 149 -31.25 -25.25 -19.64
C ASP C 149 -31.61 -25.16 -21.12
N LEU C 150 -31.16 -24.12 -21.80
CA LEU C 150 -31.33 -24.01 -23.24
C LEU C 150 -30.44 -25.03 -23.97
N TYR C 151 -29.22 -25.24 -23.45
CA TYR C 151 -28.27 -26.19 -24.06
C TYR C 151 -28.66 -27.63 -23.79
N ARG C 152 -29.01 -27.90 -22.54
CA ARG C 152 -29.35 -29.25 -22.06
C ARG C 152 -30.03 -30.12 -23.12
N ASN C 153 -29.71 -31.42 -23.10
CA ASN C 153 -30.25 -32.43 -24.00
C ASN C 153 -30.45 -31.97 -25.45
N ASN C 154 -29.33 -31.67 -26.11
CA ASN C 154 -29.35 -31.33 -27.53
C ASN C 154 -30.32 -30.16 -27.79
N PHE C 155 -30.27 -29.16 -26.91
CA PHE C 155 -31.02 -27.92 -27.09
C PHE C 155 -32.55 -28.04 -27.06
N GLU C 156 -33.11 -29.03 -26.36
CA GLU C 156 -34.57 -29.19 -26.28
C GLU C 156 -35.31 -27.86 -26.03
N ASP C 157 -35.04 -27.21 -24.89
CA ASP C 157 -35.73 -25.94 -24.50
C ASP C 157 -35.52 -24.76 -25.46
N LEU C 158 -34.42 -24.78 -26.21
CA LEU C 158 -34.13 -23.70 -27.13
C LEU C 158 -35.17 -23.75 -28.28
N HIS C 159 -35.45 -24.95 -28.76
CA HIS C 159 -36.40 -25.07 -29.88
C HIS C 159 -37.80 -24.67 -29.42
N CYS C 160 -38.15 -25.01 -28.19
CA CYS C 160 -39.37 -24.48 -27.61
C CYS C 160 -39.37 -22.94 -27.65
N LYS C 161 -38.26 -22.30 -27.29
CA LYS C 161 -38.16 -20.84 -27.36
C LYS C 161 -38.33 -20.28 -28.79
N PHE C 162 -37.71 -20.95 -29.76
CA PHE C 162 -37.95 -20.61 -31.18
C PHE C 162 -39.41 -20.74 -31.58
N TYR C 163 -40.07 -21.81 -31.14
CA TYR C 163 -41.48 -21.97 -31.44
C TYR C 163 -42.29 -20.83 -30.86
N GLN C 164 -42.00 -20.48 -29.62
CA GLN C 164 -42.72 -19.40 -28.96
C GLN C 164 -42.56 -18.10 -29.74
N LEU C 165 -41.35 -17.84 -30.19
CA LEU C 165 -41.07 -16.62 -30.96
C LEU C 165 -41.81 -16.60 -32.30
N GLU C 166 -41.92 -17.75 -32.96
CA GLU C 166 -42.62 -17.84 -34.25
C GLU C 166 -44.12 -17.55 -34.04
N ARG C 167 -44.69 -18.14 -32.99
CA ARG C 167 -46.08 -17.93 -32.67
C ARG C 167 -46.31 -16.45 -32.35
N LEU C 168 -45.43 -15.84 -31.56
CA LEU C 168 -45.51 -14.40 -31.25
C LEU C 168 -45.41 -13.53 -32.50
N GLN C 170 -46.26 -14.53 -35.38
CA GLN C 170 -47.44 -14.83 -36.17
C GLN C 170 -48.61 -13.94 -35.77
N GLU C 171 -48.72 -13.63 -34.47
CA GLU C 171 -49.79 -12.77 -33.97
C GLU C 171 -49.49 -11.28 -34.17
N GLN C 172 -48.28 -10.86 -33.86
CA GLN C 172 -47.95 -9.43 -33.83
C GLN C 172 -47.36 -8.90 -35.13
N LEU C 173 -46.68 -9.77 -35.88
CA LEU C 173 -46.05 -9.38 -37.15
C LEU C 173 -46.43 -10.39 -38.26
N PRO C 174 -47.72 -10.44 -38.62
CA PRO C 174 -48.25 -11.47 -39.50
C PRO C 174 -47.66 -11.46 -40.91
N ASP C 175 -47.36 -10.27 -41.43
CA ASP C 175 -46.82 -10.13 -42.77
C ASP C 175 -45.33 -10.46 -42.79
N LEU C 176 -44.61 -10.04 -41.77
CA LEU C 176 -43.19 -10.37 -41.68
C LEU C 176 -43.00 -11.88 -41.57
N HIS C 177 -43.83 -12.53 -40.77
CA HIS C 177 -43.79 -13.98 -40.57
C HIS C 177 -44.13 -14.76 -41.85
N SER C 178 -45.20 -14.33 -42.52
CA SER C 178 -45.62 -14.92 -43.79
C SER C 178 -44.47 -14.93 -44.80
N HIS C 179 -43.78 -13.80 -44.91
CA HIS C 179 -42.64 -13.66 -45.80
C HIS C 179 -41.51 -14.62 -45.41
N PHE C 180 -41.27 -14.76 -44.10
CA PHE C 180 -40.26 -15.70 -43.61
C PHE C 180 -40.60 -17.17 -43.93
N SER C 181 -41.88 -17.57 -43.85
CA SER C 181 -42.34 -18.90 -44.27
C SER C 181 -42.02 -19.15 -45.75
N ASP C 182 -42.44 -18.20 -46.61
CA ASP C 182 -42.15 -18.21 -48.05
C ASP C 182 -40.65 -18.38 -48.36
N LEU C 183 -39.79 -17.81 -47.53
CA LEU C 183 -38.33 -17.93 -47.70
C LEU C 183 -37.75 -19.21 -47.10
N ASN C 184 -38.53 -19.90 -46.26
CA ASN C 184 -38.04 -20.98 -45.41
C ASN C 184 -37.02 -20.49 -44.39
N LEU C 185 -37.23 -19.29 -43.89
CA LEU C 185 -36.32 -18.72 -42.92
C LEU C 185 -36.88 -19.02 -41.54
N GLU C 186 -36.26 -19.99 -40.86
CA GLU C 186 -36.69 -20.43 -39.53
C GLU C 186 -35.99 -19.65 -38.44
N ALA C 187 -36.64 -19.51 -37.30
CA ALA C 187 -36.09 -18.73 -36.20
C ALA C 187 -34.66 -19.11 -35.81
N HIS C 188 -34.32 -20.41 -35.87
CA HIS C 188 -33.01 -20.84 -35.38
C HIS C 188 -31.87 -20.26 -36.19
N TYR C 190 -31.53 -17.23 -37.31
CA TYR C 190 -31.22 -15.84 -36.95
C TYR C 190 -31.36 -15.49 -35.47
N ALA C 191 -31.88 -16.40 -34.66
CA ALA C 191 -32.12 -16.13 -33.26
C ALA C 191 -31.37 -17.01 -32.28
N SER C 192 -30.54 -17.94 -32.74
CA SER C 192 -29.87 -18.84 -31.80
C SER C 192 -28.99 -18.08 -30.83
N GLN C 193 -28.21 -17.17 -31.38
CA GLN C 193 -27.28 -16.36 -30.60
C GLN C 193 -27.98 -15.32 -29.77
N TRP C 194 -29.13 -14.84 -30.25
CA TRP C 194 -29.94 -13.95 -29.45
C TRP C 194 -30.25 -14.66 -28.12
N PHE C 195 -30.77 -15.87 -28.21
CA PHE C 195 -31.20 -16.57 -26.99
C PHE C 195 -30.06 -17.15 -26.20
N LEU C 196 -29.12 -17.79 -26.89
CA LEU C 196 -28.02 -18.45 -26.19
C LEU C 196 -27.01 -17.45 -25.58
N THR C 197 -26.71 -16.36 -26.31
CA THR C 197 -25.63 -15.42 -25.87
C THR C 197 -26.18 -14.13 -25.31
N LEU C 198 -27.51 -14.03 -25.22
CA LEU C 198 -28.18 -12.81 -24.73
C LEU C 198 -27.79 -11.57 -25.58
N PHE C 199 -27.65 -11.80 -26.90
CA PHE C 199 -27.28 -10.79 -27.89
C PHE C 199 -25.81 -10.39 -27.83
N THR C 200 -25.03 -10.99 -26.93
CA THR C 200 -23.62 -10.60 -26.74
C THR C 200 -22.71 -11.14 -27.85
N ALA C 201 -23.18 -12.10 -28.66
CA ALA C 201 -22.32 -12.58 -29.76
C ALA C 201 -22.10 -11.51 -30.82
N LYS C 202 -23.13 -10.72 -31.09
CA LYS C 202 -23.08 -9.79 -32.24
C LYS C 202 -23.33 -8.32 -31.94
N PHE C 203 -24.01 -7.99 -30.86
CA PHE C 203 -24.49 -6.61 -30.64
C PHE C 203 -23.60 -5.72 -29.76
N PRO C 204 -23.78 -4.40 -29.89
CA PRO C 204 -22.85 -3.49 -29.26
C PRO C 204 -22.86 -3.52 -27.75
N LEU C 205 -21.71 -3.25 -27.17
CA LEU C 205 -21.55 -3.26 -25.72
C LEU C 205 -22.63 -2.42 -25.03
N CYS C 206 -22.85 -1.19 -25.50
CA CYS C 206 -23.80 -0.31 -24.82
C CYS C 206 -25.21 -0.93 -24.80
N VAL C 208 -25.97 -4.50 -25.09
CA VAL C 208 -26.00 -5.73 -24.27
C VAL C 208 -25.90 -5.43 -22.75
N PHE C 209 -25.25 -4.32 -22.38
CA PHE C 209 -25.26 -3.89 -20.95
C PHE C 209 -26.71 -3.66 -20.47
N HIS C 210 -27.51 -3.03 -21.32
CA HIS C 210 -28.96 -2.85 -21.05
C HIS C 210 -29.66 -4.20 -20.94
N ILE C 211 -29.26 -5.15 -21.79
CA ILE C 211 -29.88 -6.46 -21.78
C ILE C 211 -29.63 -7.22 -20.49
N ILE C 212 -28.40 -7.24 -20.00
CA ILE C 212 -28.11 -7.80 -18.68
C ILE C 212 -28.94 -7.13 -17.55
N ASP C 213 -29.02 -5.78 -17.56
CA ASP C 213 -29.84 -5.05 -16.56
C ASP C 213 -31.25 -5.70 -16.49
N LEU C 214 -31.87 -5.86 -17.66
CA LEU C 214 -33.25 -6.31 -17.79
C LEU C 214 -33.41 -7.81 -17.52
N LEU C 215 -32.43 -8.60 -17.96
CA LEU C 215 -32.41 -10.04 -17.67
C LEU C 215 -32.39 -10.31 -16.17
N LEU C 216 -31.37 -9.77 -15.50
CA LEU C 216 -31.21 -9.97 -14.05
C LEU C 216 -32.45 -9.55 -13.26
N CYS C 217 -33.17 -8.58 -13.81
CA CYS C 217 -34.30 -7.97 -13.13
C CYS C 217 -35.63 -8.66 -13.50
N GLU C 218 -35.83 -8.91 -14.79
CA GLU C 218 -37.10 -9.47 -15.29
C GLU C 218 -37.01 -10.92 -15.84
N GLY C 219 -35.82 -11.49 -15.94
CA GLY C 219 -35.65 -12.88 -16.38
C GLY C 219 -35.49 -13.05 -17.89
N LEU C 220 -35.30 -14.30 -18.32
CA LEU C 220 -35.07 -14.66 -19.72
C LEU C 220 -36.12 -14.21 -20.72
N ASN C 221 -37.38 -14.13 -20.29
CA ASN C 221 -38.46 -13.67 -21.19
C ASN C 221 -38.14 -12.36 -21.86
N ILE C 222 -37.24 -11.58 -21.26
CA ILE C 222 -36.80 -10.34 -21.88
C ILE C 222 -36.27 -10.55 -23.29
N ILE C 223 -35.68 -11.72 -23.57
CA ILE C 223 -35.22 -11.98 -24.94
C ILE C 223 -36.37 -11.99 -25.95
N PHE C 224 -37.58 -12.38 -25.54
CA PHE C 224 -38.71 -12.31 -26.46
C PHE C 224 -39.10 -10.87 -26.78
N HIS C 225 -39.00 -9.99 -25.79
CA HIS C 225 -39.33 -8.56 -25.94
C HIS C 225 -38.36 -7.86 -26.88
N VAL C 226 -37.08 -8.10 -26.69
CA VAL C 226 -36.05 -7.46 -27.53
C VAL C 226 -36.12 -7.99 -28.95
N ALA C 227 -36.36 -9.30 -29.10
CA ALA C 227 -36.43 -9.94 -30.43
C ALA C 227 -37.50 -9.32 -31.27
N LEU C 228 -38.68 -9.27 -30.69
CA LEU C 228 -39.83 -8.64 -31.33
C LEU C 228 -39.60 -7.16 -31.71
N ALA C 229 -38.87 -6.43 -30.88
CA ALA C 229 -38.63 -5.00 -31.14
C ALA C 229 -37.67 -4.80 -32.31
N LEU C 230 -36.61 -5.60 -32.36
CA LEU C 230 -35.68 -5.64 -33.50
C LEU C 230 -36.40 -6.01 -34.80
N LEU C 231 -37.24 -7.04 -34.74
CA LEU C 231 -37.99 -7.46 -35.94
C LEU C 231 -38.91 -6.37 -36.40
N LYS C 232 -39.64 -5.78 -35.44
CA LYS C 232 -40.65 -4.78 -35.73
C LYS C 232 -40.05 -3.54 -36.37
N THR C 233 -38.96 -3.04 -35.80
CA THR C 233 -38.33 -1.82 -36.35
C THR C 233 -37.69 -2.10 -37.71
N SER C 234 -37.28 -3.36 -37.93
CA SER C 234 -36.62 -3.78 -39.18
C SER C 234 -37.59 -4.31 -40.22
N LYS C 235 -38.89 -4.27 -39.92
CA LYS C 235 -39.94 -4.87 -40.76
C LYS C 235 -39.74 -4.53 -42.25
N GLU C 236 -39.69 -3.24 -42.54
CA GLU C 236 -39.61 -2.80 -43.90
C GLU C 236 -38.39 -3.39 -44.59
N ASP C 237 -37.22 -3.31 -43.95
CA ASP C 237 -35.99 -3.92 -44.49
C ASP C 237 -36.12 -5.43 -44.75
N LEU C 238 -36.78 -6.15 -43.84
CA LEU C 238 -36.84 -7.60 -43.92
C LEU C 238 -37.87 -8.11 -44.94
N LEU C 239 -38.91 -7.32 -45.22
CA LEU C 239 -39.95 -7.68 -46.20
C LEU C 239 -39.42 -7.65 -47.62
N GLN C 240 -38.45 -6.77 -47.86
CA GLN C 240 -37.85 -6.61 -49.18
C GLN C 240 -36.69 -7.60 -49.41
N ALA C 241 -36.22 -8.25 -48.35
CA ALA C 241 -35.02 -9.10 -48.44
C ALA C 241 -35.35 -10.54 -48.86
N ASP C 242 -34.46 -11.14 -49.65
CA ASP C 242 -34.53 -12.58 -49.93
C ASP C 242 -33.81 -13.33 -48.80
N PHE C 243 -33.68 -14.64 -48.93
CA PHE C 243 -33.11 -15.45 -47.88
C PHE C 243 -31.74 -14.92 -47.40
N GLU C 244 -30.79 -14.82 -48.33
CA GLU C 244 -29.42 -14.43 -47.97
C GLU C 244 -29.33 -12.96 -47.52
N GLY C 245 -30.20 -12.13 -48.10
CA GLY C 245 -30.28 -10.72 -47.77
C GLY C 245 -30.73 -10.57 -46.34
N ALA C 246 -31.71 -11.38 -45.95
CA ALA C 246 -32.24 -11.33 -44.61
C ALA C 246 -31.15 -11.68 -43.62
N LEU C 247 -30.38 -12.71 -43.91
CA LEU C 247 -29.37 -13.20 -42.97
C LEU C 247 -28.19 -12.26 -42.87
N LYS C 248 -27.81 -11.69 -43.99
CA LYS C 248 -26.82 -10.61 -44.05
C LYS C 248 -27.28 -9.43 -43.17
N PHE C 249 -28.54 -9.02 -43.32
CA PHE C 249 -29.08 -7.97 -42.47
C PHE C 249 -29.00 -8.33 -40.95
N PHE C 250 -29.53 -9.48 -40.55
CA PHE C 250 -29.46 -9.87 -39.13
C PHE C 250 -28.03 -9.88 -38.62
N ARG C 251 -27.11 -10.40 -39.43
CA ARG C 251 -25.75 -10.67 -38.95
C ARG C 251 -24.81 -9.48 -38.91
N VAL C 252 -24.92 -8.60 -39.90
CA VAL C 252 -23.93 -7.55 -40.09
C VAL C 252 -24.53 -6.16 -39.94
N GLN C 253 -25.62 -5.89 -40.64
CA GLN C 253 -26.24 -4.57 -40.69
C GLN C 253 -26.93 -4.16 -39.39
N LEU C 254 -27.74 -5.07 -38.84
CA LEU C 254 -28.67 -4.72 -37.77
C LEU C 254 -27.97 -4.32 -36.45
N PRO C 255 -26.88 -5.01 -36.08
CA PRO C 255 -26.09 -4.65 -34.89
C PRO C 255 -25.40 -3.26 -34.92
N LYS C 256 -25.07 -2.77 -36.11
CA LYS C 256 -24.47 -1.46 -36.27
C LYS C 256 -25.41 -0.31 -35.81
N ARG C 257 -26.71 -0.58 -35.81
CA ARG C 257 -27.71 0.44 -35.56
C ARG C 257 -27.86 0.85 -34.09
N TYR C 258 -27.26 0.08 -33.18
CA TYR C 258 -27.41 0.28 -31.73
C TYR C 258 -26.06 0.55 -31.06
N ARG C 259 -25.10 1.01 -31.87
CA ARG C 259 -23.79 1.38 -31.34
C ARG C 259 -23.90 2.57 -30.39
N ALA C 260 -24.82 3.50 -30.70
CA ALA C 260 -25.01 4.70 -29.87
C ALA C 260 -25.93 4.41 -28.69
N GLU C 261 -25.62 5.03 -27.55
CA GLU C 261 -26.38 4.89 -26.31
C GLU C 261 -27.86 5.29 -26.45
N GLU C 262 -28.13 6.34 -27.22
CA GLU C 262 -29.52 6.77 -27.51
C GLU C 262 -30.34 5.73 -28.29
N ASN C 263 -29.71 5.03 -29.24
CA ASN C 263 -30.40 4.01 -30.04
C ASN C 263 -30.65 2.75 -29.21
N ALA C 264 -29.66 2.37 -28.39
CA ALA C 264 -29.82 1.22 -27.49
C ALA C 264 -30.92 1.52 -26.47
N ARG C 265 -30.86 2.68 -25.81
CA ARG C 265 -31.93 3.09 -24.89
C ARG C 265 -33.30 3.01 -25.56
N ARG C 266 -33.40 3.66 -26.73
CA ARG C 266 -34.63 3.68 -27.52
C ARG C 266 -35.17 2.28 -27.79
N LEU C 267 -34.30 1.37 -28.25
CA LEU C 267 -34.69 -0.03 -28.53
C LEU C 267 -35.20 -0.76 -27.28
N GLU C 269 -36.64 0.72 -24.68
CA GLU C 269 -37.97 1.30 -24.41
C GLU C 269 -39.05 0.61 -25.28
N GLN C 270 -38.71 0.35 -26.53
CA GLN C 270 -39.62 -0.34 -27.47
C GLN C 270 -39.89 -1.77 -27.03
N ALA C 271 -38.84 -2.45 -26.59
CA ALA C 271 -38.94 -3.84 -26.10
C ALA C 271 -39.82 -3.93 -24.86
N CYS C 272 -39.70 -2.97 -23.95
CA CYS C 272 -40.46 -2.97 -22.70
C CYS C 272 -41.89 -2.44 -22.85
N ASN C 273 -42.25 -1.95 -24.04
CA ASN C 273 -43.66 -1.63 -24.35
C ASN C 273 -44.36 -2.76 -25.12
N ILE C 274 -43.58 -3.65 -25.71
CA ILE C 274 -44.14 -4.84 -26.37
C ILE C 274 -44.71 -5.80 -25.35
N LYS C 275 -45.89 -6.32 -25.64
CA LYS C 275 -46.61 -7.21 -24.73
C LYS C 275 -46.25 -8.63 -25.08
N VAL C 276 -45.75 -9.35 -24.09
CA VAL C 276 -45.47 -10.76 -24.22
C VAL C 276 -46.00 -11.42 -22.94
N PRO C 277 -47.33 -11.47 -22.82
CA PRO C 277 -47.93 -12.02 -21.61
C PRO C 277 -47.47 -13.44 -21.36
N THR C 278 -47.20 -13.77 -20.10
CA THR C 278 -46.81 -15.13 -19.69
C THR C 278 -47.93 -16.17 -19.93
N LYS C 279 -49.19 -15.74 -19.93
CA LYS C 279 -50.28 -16.64 -20.29
C LYS C 279 -50.03 -17.22 -21.68
N LYS C 280 -49.71 -16.34 -22.64
CA LYS C 280 -49.47 -16.73 -24.04
C LYS C 280 -48.27 -17.66 -24.23
N LEU C 281 -47.19 -17.38 -23.50
CA LEU C 281 -45.98 -18.20 -23.60
C LEU C 281 -46.24 -19.60 -23.08
N LYS C 282 -47.05 -19.71 -22.03
CA LYS C 282 -47.47 -20.99 -21.47
C LYS C 282 -48.31 -21.78 -22.47
N LYS C 283 -49.27 -21.13 -23.11
CA LYS C 283 -50.07 -21.79 -24.14
C LYS C 283 -49.22 -22.25 -25.34
N TYR C 284 -48.29 -21.42 -25.79
CA TYR C 284 -47.39 -21.84 -26.91
C TYR C 284 -46.56 -23.05 -26.52
N GLU C 285 -46.04 -23.01 -25.30
CA GLU C 285 -45.22 -24.10 -24.76
C GLU C 285 -45.95 -25.43 -24.84
N LYS C 286 -47.23 -25.44 -24.48
CA LYS C 286 -48.02 -26.68 -24.45
C LYS C 286 -48.35 -27.18 -25.86
N GLU C 287 -48.69 -26.26 -26.76
CA GLU C 287 -48.85 -26.59 -28.18
C GLU C 287 -47.55 -27.17 -28.74
N TYR C 288 -46.42 -26.57 -28.36
CA TYR C 288 -45.14 -27.08 -28.78
C TYR C 288 -44.93 -28.53 -28.39
N GLN C 289 -45.12 -28.86 -27.12
CA GLN C 289 -44.93 -30.23 -26.64
C GLN C 289 -45.95 -31.21 -27.25
N THR C 290 -47.17 -30.73 -27.46
CA THR C 290 -48.26 -31.55 -28.02
C THR C 290 -47.99 -31.85 -29.50
N ARG C 292 -44.76 -31.75 -30.92
CA ARG C 292 -43.57 -32.62 -30.96
C ARG C 292 -43.77 -33.83 -30.05
#